data_4C5N
#
_entry.id   4C5N
#
_cell.length_a   62.190
_cell.length_b   100.660
_cell.length_c   168.210
_cell.angle_alpha   90.00
_cell.angle_beta   90.00
_cell.angle_gamma   90.00
#
_symmetry.space_group_name_H-M   'P 21 21 21'
#
loop_
_entity.id
_entity.type
_entity.pdbx_description
1 polymer 'PHOSPHOMETHYLPYRIMIDINE KINASE'
2 non-polymer 3-HYDROXY-5-(HYDROXYMETHYL)-2-METHYLISONICOTINALDEHYDE
3 non-polymer 'PHOSPHOMETHYLPHOSPHONIC ACID ADENYLATE ESTER'
4 non-polymer 'SULFATE ION'
5 non-polymer 4,5-bis(hydroxymethyl)-2-methyl-pyridin-3-ol
6 water water
#
_entity_poly.entity_id   1
_entity_poly.type   'polypeptide(L)'
_entity_poly.pdbx_seq_one_letter_code
;GALKKVLTIAGSDTSAGAGMQADLKTFQELDTYGMVALTAIVTMDKDTWSHDVTPLPMDVFEKQLETALSIGPDAIKTGM
LGTEEIIKRAGEVYEASNAQYFVVDPVMVCKGEDEVLNPGNTEAMIKYLLPKATVVTPNLFEAGQLSGLGKLNSIEDMKK
AATIIFDKGAQHVIIKGGKALDQDKSYDLYYDGQTFYQLTTDMFQQSYNHGAGCTFAAATTAYLANGKSPKEAVISAKAF
VASAIKNGWKMNDFVGPVDHGAYNRIEHIDVEVTEV
;
_entity_poly.pdbx_strand_id   A,B,C,D
#
# COMPACT_ATOMS: atom_id res chain seq x y z
N GLY A 1 7.47 -11.56 6.70
CA GLY A 1 8.02 -12.09 5.41
C GLY A 1 9.08 -11.15 4.88
N ALA A 2 10.32 -11.64 4.81
CA ALA A 2 11.48 -10.81 4.40
C ALA A 2 11.39 -10.57 2.92
N LEU A 3 12.00 -9.49 2.44
CA LEU A 3 12.04 -9.30 1.02
C LEU A 3 12.70 -10.49 0.30
N LYS A 4 12.04 -10.94 -0.77
CA LYS A 4 12.61 -11.88 -1.70
C LYS A 4 13.81 -11.28 -2.47
N LYS A 5 14.89 -12.04 -2.48
CA LYS A 5 16.15 -11.58 -3.13
C LYS A 5 16.13 -12.06 -4.59
N VAL A 6 16.17 -11.11 -5.51
CA VAL A 6 16.01 -11.41 -6.91
C VAL A 6 17.21 -10.87 -7.62
N LEU A 7 17.97 -11.80 -8.22
CA LEU A 7 19.18 -11.49 -8.99
C LEU A 7 18.91 -11.45 -10.49
N THR A 8 19.41 -10.42 -11.20
CA THR A 8 19.43 -10.42 -12.65
C THR A 8 20.90 -10.45 -13.13
N ILE A 9 21.19 -11.34 -14.04
CA ILE A 9 22.47 -11.44 -14.69
C ILE A 9 22.24 -10.79 -16.06
N ALA A 10 22.81 -9.62 -16.26
CA ALA A 10 22.32 -8.72 -17.29
C ALA A 10 23.32 -7.62 -17.62
N GLY A 11 23.15 -6.94 -18.76
CA GLY A 11 23.97 -5.76 -19.07
C GLY A 11 23.31 -4.47 -18.61
N SER A 12 24.09 -3.40 -18.63
CA SER A 12 23.63 -2.12 -18.40
C SER A 12 23.20 -1.43 -19.69
N ASP A 13 21.93 -0.98 -19.76
CA ASP A 13 21.44 -0.08 -20.82
C ASP A 13 21.60 1.38 -20.32
N THR A 14 22.63 2.10 -20.78
CA THR A 14 22.83 3.45 -20.28
C THR A 14 21.61 4.36 -20.39
N SER A 15 20.77 4.15 -21.39
CA SER A 15 19.58 4.98 -21.56
C SER A 15 18.55 4.71 -20.46
N ALA A 16 18.69 3.57 -19.79
CA ALA A 16 18.03 3.24 -18.52
C ALA A 16 16.55 2.79 -18.59
N GLY A 17 16.14 2.45 -19.77
CA GLY A 17 14.78 1.92 -20.04
C GLY A 17 14.72 0.37 -20.02
N ALA A 18 15.82 -0.27 -20.43
CA ALA A 18 15.95 -1.73 -20.51
C ALA A 18 17.06 -2.18 -19.70
N GLY A 19 17.39 -3.47 -19.88
CA GLY A 19 18.55 -4.00 -19.22
C GLY A 19 18.36 -4.17 -17.72
N MET A 20 19.50 -4.08 -17.01
CA MET A 20 19.56 -4.28 -15.57
C MET A 20 18.80 -3.09 -14.94
N GLN A 21 18.78 -1.93 -15.62
CA GLN A 21 17.98 -0.82 -15.15
C GLN A 21 16.50 -1.08 -15.09
N ALA A 22 15.93 -1.58 -16.18
CA ALA A 22 14.54 -2.08 -16.16
C ALA A 22 14.36 -3.15 -15.10
N ASP A 23 15.30 -4.02 -14.99
CA ASP A 23 15.15 -5.11 -14.03
C ASP A 23 15.08 -4.59 -12.54
N LEU A 24 16.07 -3.85 -12.13
CA LEU A 24 16.12 -3.29 -10.74
C LEU A 24 14.93 -2.36 -10.48
N LYS A 25 14.54 -1.56 -11.47
CA LYS A 25 13.37 -0.71 -11.26
C LYS A 25 12.04 -1.54 -11.05
N THR A 26 11.92 -2.62 -11.84
CA THR A 26 10.70 -3.44 -11.80
C THR A 26 10.72 -4.28 -10.51
N PHE A 27 11.89 -4.73 -10.13
CA PHE A 27 12.02 -5.50 -8.89
C PHE A 27 11.65 -4.65 -7.70
N GLN A 28 12.00 -3.35 -7.76
CA GLN A 28 11.73 -2.41 -6.71
C GLN A 28 10.20 -2.16 -6.62
N GLU A 29 9.58 -2.03 -7.81
CA GLU A 29 8.19 -1.77 -7.93
C GLU A 29 7.39 -2.92 -7.41
N LEU A 30 7.95 -4.09 -7.47
CA LEU A 30 7.22 -5.26 -7.02
C LEU A 30 7.72 -5.80 -5.65
N ASP A 31 8.38 -4.94 -4.86
CA ASP A 31 8.61 -5.20 -3.46
C ASP A 31 9.45 -6.40 -3.27
N THR A 32 10.43 -6.52 -4.13
CA THR A 32 11.53 -7.46 -3.95
C THR A 32 12.85 -6.71 -3.79
N TYR A 33 13.87 -7.45 -3.35
CA TYR A 33 15.24 -6.95 -3.17
C TYR A 33 16.05 -7.22 -4.39
N GLY A 34 16.15 -6.21 -5.22
CA GLY A 34 16.83 -6.35 -6.49
C GLY A 34 18.35 -6.41 -6.39
N MET A 35 18.96 -7.31 -7.15
CA MET A 35 20.43 -7.39 -7.27
C MET A 35 20.86 -7.66 -8.74
N VAL A 36 22.06 -7.27 -9.12
CA VAL A 36 22.54 -7.49 -10.44
C VAL A 36 23.99 -7.95 -10.47
N ALA A 37 24.27 -8.84 -11.39
CA ALA A 37 25.63 -9.13 -11.80
C ALA A 37 25.77 -8.67 -13.20
N LEU A 38 26.65 -7.70 -13.42
CA LEU A 38 26.72 -7.00 -14.74
C LEU A 38 27.64 -7.71 -15.69
N THR A 39 27.20 -7.77 -16.94
CA THR A 39 27.92 -8.53 -17.98
C THR A 39 28.57 -7.68 -19.06
N ALA A 40 27.97 -6.56 -19.35
CA ALA A 40 28.45 -5.63 -20.36
C ALA A 40 27.81 -4.26 -20.14
N ILE A 41 28.28 -3.24 -20.83
CA ILE A 41 27.74 -1.89 -20.74
C ILE A 41 27.41 -1.47 -22.16
N VAL A 42 26.16 -1.03 -22.36
CA VAL A 42 25.69 -0.56 -23.66
C VAL A 42 25.51 0.95 -23.63
N THR A 43 26.11 1.64 -24.62
CA THR A 43 26.11 3.06 -24.70
C THR A 43 25.65 3.43 -26.08
N MET A 44 25.28 4.70 -26.25
CA MET A 44 24.74 5.14 -27.52
C MET A 44 25.31 6.49 -27.94
N ASP A 45 25.53 6.65 -29.21
CA ASP A 45 26.14 7.85 -29.71
C ASP A 45 25.21 9.05 -29.65
N LYS A 46 25.72 10.21 -29.24
CA LYS A 46 24.83 11.38 -29.04
C LYS A 46 24.18 11.89 -30.33
N ASP A 47 24.83 11.65 -31.45
CA ASP A 47 24.39 12.23 -32.71
C ASP A 47 23.54 11.27 -33.49
N THR A 48 23.94 9.99 -33.53
CA THR A 48 23.20 8.98 -34.32
C THR A 48 22.48 7.95 -33.50
N TRP A 49 22.81 7.86 -32.20
CA TRP A 49 22.25 6.88 -31.29
C TRP A 49 22.75 5.46 -31.58
N SER A 50 23.84 5.33 -32.31
CA SER A 50 24.41 4.02 -32.67
C SER A 50 24.86 3.38 -31.34
N HIS A 51 24.54 2.11 -31.14
CA HIS A 51 24.86 1.42 -29.91
C HIS A 51 26.27 0.89 -29.96
N ASP A 52 26.91 0.86 -28.80
CA ASP A 52 28.13 0.12 -28.67
C ASP A 52 28.07 -0.74 -27.41
N VAL A 53 28.57 -1.98 -27.51
CA VAL A 53 28.55 -2.91 -26.39
C VAL A 53 29.98 -3.13 -25.87
N THR A 54 30.27 -2.69 -24.66
CA THR A 54 31.55 -2.93 -24.01
C THR A 54 31.44 -4.11 -23.08
N PRO A 55 32.10 -5.22 -23.43
CA PRO A 55 32.10 -6.36 -22.49
C PRO A 55 32.84 -6.11 -21.19
N LEU A 56 32.39 -6.73 -20.11
CA LEU A 56 33.15 -6.73 -18.88
CA LEU A 56 33.11 -6.72 -18.84
C LEU A 56 33.99 -7.98 -18.77
N PRO A 57 35.15 -7.86 -18.12
CA PRO A 57 36.00 -9.05 -18.07
C PRO A 57 35.42 -10.14 -17.17
N MET A 58 35.78 -11.38 -17.46
CA MET A 58 35.22 -12.53 -16.75
C MET A 58 35.64 -12.52 -15.29
N ASP A 59 36.83 -11.99 -15.01
CA ASP A 59 37.28 -11.92 -13.61
C ASP A 59 36.30 -11.10 -12.75
N VAL A 60 35.93 -9.90 -13.21
CA VAL A 60 34.92 -9.12 -12.47
C VAL A 60 33.48 -9.74 -12.53
N PHE A 61 33.14 -10.38 -13.63
CA PHE A 61 31.89 -11.08 -13.66
C PHE A 61 31.87 -12.13 -12.51
N GLU A 62 32.93 -12.96 -12.39
CA GLU A 62 32.99 -14.01 -11.35
C GLU A 62 32.97 -13.46 -9.93
N LYS A 63 33.66 -12.36 -9.69
CA LYS A 63 33.64 -11.76 -8.39
C LYS A 63 32.21 -11.29 -8.02
N GLN A 64 31.48 -10.75 -8.99
CA GLN A 64 30.11 -10.34 -8.77
C GLN A 64 29.24 -11.53 -8.46
N LEU A 65 29.42 -12.60 -9.22
CA LEU A 65 28.67 -13.81 -8.93
C LEU A 65 28.96 -14.44 -7.57
N GLU A 66 30.22 -14.42 -7.08
CA GLU A 66 30.52 -14.98 -5.77
C GLU A 66 29.74 -14.23 -4.66
N THR A 67 29.69 -12.90 -4.81
CA THR A 67 29.03 -12.04 -3.82
C THR A 67 27.53 -12.30 -3.82
N ALA A 68 26.95 -12.35 -5.03
CA ALA A 68 25.53 -12.60 -5.17
C ALA A 68 25.12 -13.98 -4.63
N LEU A 69 25.95 -15.00 -4.91
CA LEU A 69 25.65 -16.35 -4.47
C LEU A 69 25.72 -16.45 -2.95
N SER A 70 26.70 -15.77 -2.33
CA SER A 70 26.79 -15.84 -0.88
CA SER A 70 26.81 -15.78 -0.88
C SER A 70 25.54 -15.19 -0.24
N ILE A 71 24.95 -14.20 -0.92
CA ILE A 71 23.76 -13.51 -0.40
C ILE A 71 22.56 -14.43 -0.48
N GLY A 72 22.49 -15.19 -1.57
CA GLY A 72 21.57 -16.30 -1.71
C GLY A 72 20.28 -15.79 -2.38
N PRO A 73 20.26 -15.75 -3.71
CA PRO A 73 19.02 -15.31 -4.36
C PRO A 73 17.90 -16.34 -4.28
N ASP A 74 16.68 -15.84 -4.20
CA ASP A 74 15.43 -16.63 -4.19
C ASP A 74 14.99 -16.93 -5.61
N ALA A 75 15.40 -16.03 -6.52
CA ALA A 75 15.06 -16.11 -7.94
C ALA A 75 16.16 -15.41 -8.78
N ILE A 76 16.37 -15.95 -9.98
CA ILE A 76 17.37 -15.46 -10.96
C ILE A 76 16.79 -15.23 -12.32
N LYS A 77 17.05 -14.09 -12.90
CA LYS A 77 16.68 -13.84 -14.25
C LYS A 77 17.92 -13.68 -15.00
N THR A 78 17.90 -14.09 -16.28
CA THR A 78 18.98 -13.74 -17.20
C THR A 78 18.44 -12.80 -18.23
N GLY A 79 19.24 -11.83 -18.59
CA GLY A 79 19.02 -10.99 -19.77
C GLY A 79 20.15 -11.09 -20.77
N MET A 80 20.75 -9.96 -21.19
CA MET A 80 21.89 -9.94 -22.14
C MET A 80 23.08 -10.59 -21.52
N LEU A 81 23.51 -11.70 -22.13
CA LEU A 81 24.61 -12.52 -21.62
C LEU A 81 25.83 -12.38 -22.56
N GLY A 82 25.64 -12.57 -23.85
CA GLY A 82 26.58 -12.04 -24.87
C GLY A 82 27.59 -13.07 -25.34
N THR A 83 27.99 -13.99 -24.48
CA THR A 83 28.97 -15.01 -24.83
C THR A 83 28.56 -16.39 -24.33
N GLU A 84 29.12 -17.41 -24.93
CA GLU A 84 28.78 -18.80 -24.57
C GLU A 84 29.22 -19.13 -23.17
N GLU A 85 30.41 -18.62 -22.88
CA GLU A 85 31.02 -18.74 -21.57
C GLU A 85 30.10 -18.12 -20.51
N ILE A 86 29.55 -16.95 -20.78
CA ILE A 86 28.63 -16.36 -19.82
C ILE A 86 27.31 -17.13 -19.66
N ILE A 87 26.71 -17.48 -20.79
CA ILE A 87 25.49 -18.28 -20.85
C ILE A 87 25.68 -19.57 -20.00
N LYS A 88 26.81 -20.24 -20.19
CA LYS A 88 27.12 -21.43 -19.42
C LYS A 88 27.14 -21.19 -17.92
N ARG A 89 27.88 -20.16 -17.52
CA ARG A 89 28.09 -19.85 -16.10
C ARG A 89 26.75 -19.46 -15.47
N ALA A 90 25.93 -18.76 -16.24
CA ALA A 90 24.61 -18.34 -15.71
C ALA A 90 23.79 -19.51 -15.21
N GLY A 91 23.75 -20.57 -16.00
CA GLY A 91 23.05 -21.82 -15.59
C GLY A 91 23.62 -22.48 -14.37
N GLU A 92 24.94 -22.51 -14.33
CA GLU A 92 25.65 -23.06 -13.21
C GLU A 92 25.36 -22.32 -11.91
N VAL A 93 25.34 -21.00 -11.94
CA VAL A 93 25.12 -20.28 -10.66
C VAL A 93 23.69 -20.50 -10.14
N TYR A 94 22.73 -20.61 -11.05
CA TYR A 94 21.40 -21.00 -10.65
C TYR A 94 21.45 -22.34 -9.97
N GLU A 95 22.11 -23.29 -10.59
CA GLU A 95 22.14 -24.63 -9.99
C GLU A 95 22.83 -24.55 -8.63
N ALA A 96 23.91 -23.78 -8.57
CA ALA A 96 24.70 -23.65 -7.34
C ALA A 96 23.99 -22.89 -6.23
N SER A 97 22.99 -22.11 -6.58
CA SER A 97 22.23 -21.38 -5.59
C SER A 97 21.15 -22.25 -5.01
N ASN A 98 20.47 -21.69 -4.01
CA ASN A 98 19.25 -22.31 -3.49
C ASN A 98 17.99 -21.66 -4.09
N ALA A 99 18.14 -20.93 -5.21
CA ALA A 99 17.00 -20.38 -5.98
C ALA A 99 16.04 -21.47 -6.48
N GLN A 100 14.73 -21.23 -6.33
CA GLN A 100 13.69 -22.13 -6.87
C GLN A 100 13.14 -21.67 -8.26
N TYR A 101 13.48 -20.45 -8.71
CA TYR A 101 12.95 -19.88 -9.97
C TYR A 101 14.11 -19.32 -10.81
N PHE A 102 14.09 -19.60 -12.10
CA PHE A 102 15.05 -19.15 -13.11
C PHE A 102 14.21 -18.72 -14.33
N VAL A 103 14.27 -17.43 -14.70
CA VAL A 103 13.54 -16.84 -15.83
C VAL A 103 14.54 -16.44 -16.86
N VAL A 104 14.55 -17.15 -17.99
CA VAL A 104 15.50 -16.87 -19.04
C VAL A 104 14.82 -16.01 -20.08
N ASP A 105 15.28 -14.75 -20.14
CA ASP A 105 14.92 -13.86 -21.25
C ASP A 105 15.96 -13.96 -22.33
N PRO A 106 15.63 -14.69 -23.43
CA PRO A 106 16.69 -15.07 -24.36
C PRO A 106 17.11 -14.00 -25.34
N VAL A 107 17.65 -12.91 -24.80
CA VAL A 107 17.89 -11.72 -25.60
CA VAL A 107 17.91 -11.72 -25.59
C VAL A 107 18.90 -12.03 -26.69
N MET A 108 18.50 -11.72 -27.93
CA MET A 108 19.27 -11.89 -29.14
C MET A 108 19.30 -10.55 -29.87
N LEU A 117 25.72 -12.35 -36.45
CA LEU A 117 25.24 -13.42 -35.60
C LEU A 117 26.29 -14.52 -35.44
N ASN A 118 26.18 -15.22 -34.32
CA ASN A 118 26.81 -16.51 -34.12
C ASN A 118 25.78 -17.42 -33.46
N PRO A 119 25.16 -18.32 -34.25
CA PRO A 119 24.15 -19.22 -33.69
C PRO A 119 24.68 -20.05 -32.49
N GLY A 120 26.00 -20.05 -32.32
CA GLY A 120 26.60 -20.60 -31.10
C GLY A 120 25.97 -20.08 -29.82
N ASN A 121 25.67 -18.78 -29.78
CA ASN A 121 25.00 -18.20 -28.63
C ASN A 121 23.66 -18.92 -28.42
N THR A 122 22.95 -19.05 -29.53
CA THR A 122 21.66 -19.67 -29.53
C THR A 122 21.73 -21.13 -29.09
N GLU A 123 22.75 -21.87 -29.55
CA GLU A 123 22.88 -23.26 -29.13
C GLU A 123 23.22 -23.41 -27.66
N ALA A 124 24.14 -22.56 -27.17
CA ALA A 124 24.44 -22.45 -25.74
C ALA A 124 23.15 -22.26 -24.95
N MET A 125 22.32 -21.34 -25.39
CA MET A 125 21.04 -21.10 -24.67
C MET A 125 20.17 -22.35 -24.51
N ILE A 126 20.01 -23.02 -25.65
CA ILE A 126 19.28 -24.24 -25.77
C ILE A 126 19.89 -25.28 -24.84
N LYS A 127 21.21 -25.32 -24.89
CA LYS A 127 21.92 -26.36 -24.17
C LYS A 127 22.04 -26.15 -22.66
N TYR A 128 22.28 -24.90 -22.22
CA TYR A 128 22.56 -24.64 -20.82
C TYR A 128 21.36 -24.00 -20.07
N LEU A 129 20.53 -23.24 -20.77
CA LEU A 129 19.50 -22.40 -20.08
C LEU A 129 18.10 -23.02 -20.14
N LEU A 130 17.69 -23.41 -21.34
CA LEU A 130 16.35 -23.94 -21.51
C LEU A 130 16.03 -25.08 -20.52
N PRO A 131 16.94 -26.04 -20.37
CA PRO A 131 16.60 -27.15 -19.44
C PRO A 131 16.43 -26.77 -17.95
N LYS A 132 16.90 -25.59 -17.60
CA LYS A 132 16.81 -25.10 -16.23
C LYS A 132 15.69 -24.09 -15.98
N ALA A 133 15.16 -23.55 -17.08
CA ALA A 133 14.30 -22.39 -17.05
C ALA A 133 12.94 -22.78 -16.46
N THR A 134 12.53 -22.03 -15.43
CA THR A 134 11.21 -22.15 -14.91
C THR A 134 10.28 -21.53 -15.96
N VAL A 135 10.68 -20.39 -16.50
CA VAL A 135 9.95 -19.76 -17.64
C VAL A 135 10.97 -19.22 -18.59
N VAL A 136 10.78 -19.39 -19.89
CA VAL A 136 11.60 -18.76 -20.92
C VAL A 136 10.68 -17.82 -21.67
N THR A 137 11.17 -16.61 -21.90
CA THR A 137 10.34 -15.47 -22.41
C THR A 137 10.76 -14.89 -23.78
N PRO A 138 10.81 -15.74 -24.83
CA PRO A 138 11.24 -15.21 -26.10
C PRO A 138 10.22 -14.24 -26.71
N ASN A 139 10.72 -13.24 -27.43
CA ASN A 139 9.94 -12.52 -28.40
C ASN A 139 9.75 -13.39 -29.64
N LEU A 140 8.98 -12.88 -30.60
CA LEU A 140 8.59 -13.68 -31.75
C LEU A 140 9.80 -14.12 -32.57
N PHE A 141 10.75 -13.21 -32.74
CA PHE A 141 11.94 -13.51 -33.49
C PHE A 141 12.80 -14.57 -32.71
N GLU A 142 12.96 -14.38 -31.42
CA GLU A 142 13.77 -15.28 -30.58
C GLU A 142 13.13 -16.71 -30.52
N ALA A 143 11.80 -16.79 -30.46
CA ALA A 143 11.08 -18.09 -30.47
C ALA A 143 11.33 -18.84 -31.79
N GLY A 144 11.38 -18.09 -32.89
CA GLY A 144 11.75 -18.68 -34.21
C GLY A 144 13.16 -19.19 -34.25
N GLN A 145 14.05 -18.51 -33.52
CA GLN A 145 15.45 -18.87 -33.53
C GLN A 145 15.64 -20.09 -32.64
N LEU A 146 15.05 -20.02 -31.46
CA LEU A 146 15.18 -21.15 -30.52
C LEU A 146 14.47 -22.37 -31.06
N SER A 147 13.35 -22.21 -31.74
CA SER A 147 12.61 -23.37 -32.24
C SER A 147 13.22 -23.97 -33.54
N GLY A 148 13.96 -23.15 -34.28
CA GLY A 148 14.42 -23.57 -35.61
C GLY A 148 13.39 -23.33 -36.72
N LEU A 149 12.21 -22.83 -36.37
CA LEU A 149 11.17 -22.60 -37.36
C LEU A 149 11.37 -21.34 -38.18
N GLY A 150 12.30 -20.47 -37.79
CA GLY A 150 12.41 -19.17 -38.51
C GLY A 150 11.21 -18.25 -38.26
N LYS A 151 10.81 -17.47 -39.26
CA LYS A 151 9.72 -16.52 -39.07
C LYS A 151 8.40 -17.21 -38.65
N LEU A 152 7.83 -16.72 -37.53
CA LEU A 152 6.51 -17.08 -37.07
C LEU A 152 5.56 -15.93 -37.36
N ASN A 153 4.34 -16.27 -37.78
CA ASN A 153 3.39 -15.28 -38.27
C ASN A 153 1.98 -15.32 -37.69
N SER A 154 1.75 -16.23 -36.75
CA SER A 154 0.38 -16.50 -36.31
C SER A 154 0.40 -17.33 -35.04
N ILE A 155 -0.76 -17.37 -34.37
CA ILE A 155 -0.86 -18.07 -33.11
C ILE A 155 -0.51 -19.54 -33.32
N GLU A 156 -0.93 -20.10 -34.45
CA GLU A 156 -0.67 -21.52 -34.71
C GLU A 156 0.86 -21.75 -34.81
N ASP A 157 1.57 -20.93 -35.58
CA ASP A 157 3.05 -20.94 -35.57
C ASP A 157 3.69 -20.83 -34.14
N MET A 158 3.09 -19.95 -33.33
CA MET A 158 3.53 -19.73 -31.92
C MET A 158 3.34 -21.02 -31.09
N LYS A 159 2.22 -21.67 -31.32
CA LYS A 159 1.99 -22.99 -30.71
C LYS A 159 3.05 -24.01 -31.07
N LYS A 160 3.43 -24.02 -32.35
CA LYS A 160 4.44 -25.01 -32.79
C LYS A 160 5.76 -24.73 -32.12
N ALA A 161 6.18 -23.45 -32.12
CA ALA A 161 7.45 -23.03 -31.51
C ALA A 161 7.49 -23.35 -30.00
N ALA A 162 6.37 -23.09 -29.33
CA ALA A 162 6.30 -23.22 -27.89
C ALA A 162 6.46 -24.67 -27.55
N THR A 163 5.84 -25.53 -28.35
CA THR A 163 5.93 -26.98 -28.25
C THR A 163 7.37 -27.42 -28.40
N ILE A 164 8.06 -26.88 -29.41
CA ILE A 164 9.44 -27.29 -29.59
C ILE A 164 10.29 -26.83 -28.40
N ILE A 165 10.05 -25.56 -27.98
CA ILE A 165 10.81 -24.94 -26.87
C ILE A 165 10.55 -25.73 -25.58
N PHE A 166 9.30 -26.07 -25.27
CA PHE A 166 8.98 -26.95 -24.09
C PHE A 166 9.75 -28.25 -24.24
N ASP A 167 9.77 -28.83 -25.44
CA ASP A 167 10.41 -30.18 -25.59
C ASP A 167 11.91 -30.09 -25.30
N LYS A 168 12.46 -28.92 -25.54
CA LYS A 168 13.86 -28.64 -25.27
C LYS A 168 14.19 -28.44 -23.81
N GLY A 169 13.16 -28.46 -22.96
CA GLY A 169 13.35 -28.53 -21.51
C GLY A 169 12.82 -27.35 -20.73
N ALA A 170 12.40 -26.27 -21.38
CA ALA A 170 11.74 -25.21 -20.64
C ALA A 170 10.35 -25.67 -20.07
N GLN A 171 10.18 -25.52 -18.76
CA GLN A 171 8.99 -26.01 -18.03
C GLN A 171 7.78 -25.18 -18.36
N HIS A 172 8.02 -23.92 -18.68
CA HIS A 172 6.95 -23.02 -19.10
C HIS A 172 7.53 -22.07 -20.16
N VAL A 173 6.75 -21.73 -21.16
CA VAL A 173 7.21 -20.97 -22.27
C VAL A 173 6.18 -19.86 -22.51
N ILE A 174 6.63 -18.62 -22.65
CA ILE A 174 5.72 -17.55 -23.09
C ILE A 174 6.34 -16.96 -24.36
N ILE A 175 5.60 -17.01 -25.44
CA ILE A 175 6.03 -16.34 -26.67
C ILE A 175 5.28 -15.07 -26.80
N LYS A 176 6.04 -14.00 -26.77
CA LYS A 176 5.41 -12.70 -26.89
C LYS A 176 5.14 -12.43 -28.36
N GLY A 177 3.92 -12.02 -28.74
CA GLY A 177 3.71 -11.58 -30.09
C GLY A 177 3.81 -10.06 -30.14
N GLY A 178 2.89 -9.45 -29.40
CA GLY A 178 2.71 -8.01 -29.37
C GLY A 178 2.64 -7.36 -30.75
N LYS A 179 3.35 -6.24 -30.88
CA LYS A 179 3.41 -5.47 -32.12
C LYS A 179 4.05 -6.21 -33.31
N ALA A 180 4.82 -7.25 -33.01
CA ALA A 180 5.44 -8.04 -34.07
C ALA A 180 4.43 -8.91 -34.80
N LEU A 181 3.21 -8.99 -34.26
CA LEU A 181 2.26 -10.01 -34.71
C LEU A 181 0.96 -9.40 -35.19
N ASP A 182 0.16 -8.88 -34.25
CA ASP A 182 -1.07 -8.16 -34.63
C ASP A 182 -0.99 -6.77 -34.07
N GLN A 183 -1.76 -5.89 -34.70
CA GLN A 183 -1.74 -4.45 -34.46
C GLN A 183 -2.97 -3.91 -33.69
N ASP A 184 -3.94 -4.79 -33.42
CA ASP A 184 -5.25 -4.35 -32.91
C ASP A 184 -5.28 -4.74 -31.45
N LYS A 185 -4.81 -5.94 -31.16
CA LYS A 185 -4.65 -6.34 -29.80
C LYS A 185 -3.24 -6.95 -29.60
N SER A 186 -2.79 -6.98 -28.36
CA SER A 186 -1.47 -7.46 -28.08
C SER A 186 -1.57 -8.89 -27.56
N TYR A 187 -1.14 -9.84 -28.38
CA TYR A 187 -1.22 -11.29 -28.10
C TYR A 187 0.12 -11.88 -27.66
N ASP A 188 0.11 -12.60 -26.54
CA ASP A 188 1.22 -13.52 -26.20
C ASP A 188 0.64 -14.88 -25.99
N LEU A 189 1.50 -15.89 -26.09
CA LEU A 189 1.05 -17.28 -26.04
C LEU A 189 1.87 -17.97 -24.95
N TYR A 190 1.17 -18.43 -23.93
CA TYR A 190 1.69 -19.19 -22.80
C TYR A 190 1.44 -20.71 -22.95
N TYR A 191 2.47 -21.53 -22.71
CA TYR A 191 2.31 -23.00 -22.76
C TYR A 191 2.98 -23.63 -21.58
N ASP A 192 2.31 -24.58 -20.93
CA ASP A 192 2.85 -25.34 -19.77
C ASP A 192 3.07 -26.84 -20.09
N GLY A 193 3.14 -27.17 -21.37
CA GLY A 193 3.21 -28.62 -21.74
C GLY A 193 1.88 -29.37 -21.93
N GLN A 194 0.80 -28.82 -21.36
CA GLN A 194 -0.55 -29.47 -21.46
C GLN A 194 -1.58 -28.54 -22.09
N THR A 195 -1.44 -27.22 -21.95
CA THR A 195 -2.46 -26.28 -22.42
C THR A 195 -1.85 -25.03 -22.96
N PHE A 196 -2.42 -24.52 -24.06
CA PHE A 196 -2.00 -23.28 -24.67
C PHE A 196 -2.93 -22.20 -24.20
N TYR A 197 -2.38 -21.10 -23.68
CA TYR A 197 -3.22 -19.99 -23.29
C TYR A 197 -2.83 -18.76 -24.09
N GLN A 198 -3.79 -18.12 -24.72
CA GLN A 198 -3.58 -16.83 -25.35
C GLN A 198 -3.82 -15.70 -24.32
N LEU A 199 -2.83 -14.80 -24.16
CA LEU A 199 -2.94 -13.68 -23.25
C LEU A 199 -3.06 -12.42 -24.08
N THR A 200 -4.00 -11.57 -23.68
CA THR A 200 -4.38 -10.47 -24.53
C THR A 200 -4.60 -9.19 -23.71
N THR A 201 -4.15 -8.06 -24.24
CA THR A 201 -4.60 -6.76 -23.77
C THR A 201 -4.82 -5.92 -25.03
N ASP A 202 -5.34 -4.72 -24.80
CA ASP A 202 -5.38 -3.66 -25.82
C ASP A 202 -3.95 -3.43 -26.36
N MET A 203 -3.85 -3.07 -27.63
CA MET A 203 -2.61 -2.61 -28.21
C MET A 203 -2.45 -1.07 -27.96
N PHE A 204 -1.47 -0.70 -27.16
CA PHE A 204 -1.25 0.73 -26.83
C PHE A 204 -0.26 1.37 -27.78
N GLN A 205 -0.04 2.70 -27.62
CA GLN A 205 0.88 3.41 -28.49
C GLN A 205 2.15 2.58 -28.69
N GLN A 206 2.71 2.67 -29.88
CA GLN A 206 3.82 1.81 -30.28
C GLN A 206 5.10 2.57 -30.42
N SER A 207 5.04 3.87 -30.17
CA SER A 207 6.14 4.79 -30.43
C SER A 207 7.22 4.66 -29.33
N TYR A 208 6.75 4.47 -28.09
CA TYR A 208 7.59 4.54 -26.91
C TYR A 208 7.43 3.27 -26.09
N ASN A 209 8.19 2.25 -26.52
CA ASN A 209 8.09 0.89 -25.97
C ASN A 209 9.44 0.34 -25.54
N HIS A 210 10.46 1.17 -25.50
CA HIS A 210 11.78 0.65 -25.11
C HIS A 210 11.86 0.07 -23.70
N GLY A 211 12.35 -1.16 -23.56
CA GLY A 211 12.35 -1.79 -22.30
C GLY A 211 11.23 -2.72 -21.94
N ALA A 212 10.24 -2.89 -22.80
CA ALA A 212 9.08 -3.74 -22.47
C ALA A 212 9.44 -5.16 -22.27
N GLY A 213 10.37 -5.73 -23.07
CA GLY A 213 10.64 -7.18 -22.93
C GLY A 213 11.35 -7.42 -21.66
N CYS A 214 12.36 -6.57 -21.38
CA CYS A 214 13.09 -6.69 -20.13
C CYS A 214 12.16 -6.54 -18.93
N THR A 215 11.28 -5.56 -18.95
CA THR A 215 10.35 -5.31 -17.90
C THR A 215 9.39 -6.49 -17.72
N PHE A 216 8.91 -7.08 -18.82
CA PHE A 216 8.06 -8.26 -18.74
C PHE A 216 8.76 -9.41 -18.00
N ALA A 217 9.96 -9.72 -18.41
CA ALA A 217 10.64 -10.86 -17.76
C ALA A 217 11.05 -10.56 -16.33
N ALA A 218 11.40 -9.30 -16.03
CA ALA A 218 11.74 -8.95 -14.61
C ALA A 218 10.49 -9.08 -13.74
N ALA A 219 9.31 -8.68 -14.28
CA ALA A 219 8.10 -8.74 -13.50
C ALA A 219 7.74 -10.17 -13.21
N THR A 220 7.91 -10.97 -14.24
CA THR A 220 7.61 -12.43 -14.19
C THR A 220 8.41 -13.05 -13.07
N THR A 221 9.68 -12.70 -13.04
CA THR A 221 10.57 -13.18 -11.99
C THR A 221 10.17 -12.74 -10.58
N ALA A 222 9.83 -11.46 -10.42
CA ALA A 222 9.42 -10.94 -9.11
C ALA A 222 8.12 -11.61 -8.68
N TYR A 223 7.18 -11.72 -9.60
CA TYR A 223 5.88 -12.32 -9.28
C TYR A 223 6.05 -13.75 -8.88
N LEU A 224 6.93 -14.49 -9.57
CA LEU A 224 7.27 -15.81 -9.08
C LEU A 224 7.88 -15.84 -7.68
N ALA A 225 8.89 -15.01 -7.47
CA ALA A 225 9.58 -14.99 -6.15
C ALA A 225 8.59 -14.70 -5.02
N ASN A 226 7.64 -13.87 -5.32
CA ASN A 226 6.59 -13.56 -4.36
C ASN A 226 5.46 -14.52 -4.31
N GLY A 227 5.62 -15.69 -4.92
CA GLY A 227 4.74 -16.82 -4.68
C GLY A 227 3.61 -17.11 -5.68
N LYS A 228 3.55 -16.38 -6.80
CA LYS A 228 2.58 -16.65 -7.89
C LYS A 228 3.03 -17.85 -8.70
N SER A 229 2.07 -18.61 -9.23
CA SER A 229 2.37 -19.73 -10.14
C SER A 229 2.93 -19.22 -11.48
N PRO A 230 3.66 -20.08 -12.20
CA PRO A 230 4.19 -19.53 -13.47
C PRO A 230 3.07 -18.91 -14.34
N LYS A 231 1.91 -19.54 -14.39
CA LYS A 231 0.82 -19.03 -15.18
C LYS A 231 0.34 -17.65 -14.64
N GLU A 232 0.09 -17.56 -13.33
CA GLU A 232 -0.37 -16.29 -12.75
C GLU A 232 0.74 -15.23 -12.87
N ALA A 233 2.00 -15.63 -12.72
CA ALA A 233 3.09 -14.65 -12.84
C ALA A 233 3.17 -14.03 -14.21
N VAL A 234 3.03 -14.82 -15.25
CA VAL A 234 3.05 -14.32 -16.63
CA VAL A 234 3.08 -14.25 -16.63
C VAL A 234 1.85 -13.41 -16.95
N ILE A 235 0.67 -13.78 -16.44
CA ILE A 235 -0.50 -12.93 -16.59
C ILE A 235 -0.26 -11.59 -15.87
N SER A 236 0.24 -11.66 -14.63
CA SER A 236 0.49 -10.43 -13.89
C SER A 236 1.60 -9.59 -14.55
N ALA A 237 2.68 -10.22 -15.07
CA ALA A 237 3.71 -9.49 -15.76
C ALA A 237 3.17 -8.76 -16.97
N LYS A 238 2.31 -9.43 -17.77
CA LYS A 238 1.76 -8.72 -18.92
C LYS A 238 0.94 -7.49 -18.51
N ALA A 239 0.11 -7.61 -17.47
CA ALA A 239 -0.67 -6.43 -17.01
C ALA A 239 0.32 -5.33 -16.58
N PHE A 240 1.36 -5.72 -15.82
CA PHE A 240 2.40 -4.77 -15.32
C PHE A 240 3.09 -4.05 -16.49
N VAL A 241 3.50 -4.80 -17.50
CA VAL A 241 4.18 -4.16 -18.63
C VAL A 241 3.24 -3.41 -19.54
N ALA A 242 2.00 -3.90 -19.66
CA ALA A 242 1.02 -3.17 -20.44
C ALA A 242 0.82 -1.70 -19.95
N SER A 243 0.68 -1.51 -18.65
CA SER A 243 0.56 -0.16 -18.10
CA SER A 243 0.53 -0.14 -18.16
C SER A 243 1.82 0.66 -18.44
N ALA A 244 2.99 0.00 -18.28
CA ALA A 244 4.23 0.62 -18.56
C ALA A 244 4.28 1.08 -20.00
N ILE A 245 3.79 0.27 -20.93
CA ILE A 245 3.78 0.64 -22.35
C ILE A 245 2.81 1.77 -22.61
N LYS A 246 1.60 1.63 -22.06
CA LYS A 246 0.57 2.63 -22.30
CA LYS A 246 0.54 2.63 -22.26
C LYS A 246 1.08 3.99 -21.87
N ASN A 247 1.91 4.00 -20.81
CA ASN A 247 2.41 5.25 -20.28
C ASN A 247 3.85 5.61 -20.67
N GLY A 248 4.30 5.03 -21.79
CA GLY A 248 5.65 5.25 -22.33
C GLY A 248 5.82 6.67 -22.68
N TRP A 249 7.02 7.17 -22.84
CA TRP A 249 7.16 8.60 -23.06
C TRP A 249 8.38 8.85 -23.91
N LYS A 250 8.45 10.01 -24.54
CA LYS A 250 9.51 10.31 -25.54
C LYS A 250 10.74 10.84 -24.86
N MET A 251 11.83 10.11 -24.98
CA MET A 251 13.10 10.54 -24.36
C MET A 251 13.85 11.50 -25.31
N ASN A 252 14.01 11.11 -26.58
CA ASN A 252 14.62 11.94 -27.60
C ASN A 252 14.15 11.37 -28.96
N ASP A 253 14.78 11.73 -30.07
CA ASP A 253 14.18 11.39 -31.36
C ASP A 253 14.31 9.89 -31.65
N PHE A 254 15.15 9.21 -30.87
CA PHE A 254 15.50 7.82 -31.10
C PHE A 254 14.83 6.84 -30.21
N VAL A 255 14.42 7.29 -29.04
CA VAL A 255 14.03 6.35 -28.02
C VAL A 255 12.95 6.90 -27.10
N GLY A 256 12.03 6.01 -26.68
CA GLY A 256 11.03 6.39 -25.65
C GLY A 256 10.81 5.18 -24.72
N PRO A 257 11.16 5.33 -23.44
CA PRO A 257 11.06 4.15 -22.64
C PRO A 257 9.65 3.96 -22.02
N VAL A 258 9.36 2.72 -21.67
CA VAL A 258 8.16 2.40 -20.91
C VAL A 258 8.30 3.07 -19.53
N ASP A 259 7.15 3.34 -18.87
CA ASP A 259 7.15 3.81 -17.52
C ASP A 259 7.01 2.68 -16.47
N HIS A 260 8.17 2.21 -15.96
CA HIS A 260 8.17 0.99 -15.18
C HIS A 260 7.27 1.10 -13.93
N GLY A 261 7.09 2.32 -13.43
CA GLY A 261 6.28 2.57 -12.25
C GLY A 261 4.79 2.79 -12.53
N ALA A 262 4.33 2.64 -13.76
CA ALA A 262 2.93 3.04 -14.12
C ALA A 262 1.87 2.19 -13.52
N TYR A 263 2.15 0.91 -13.39
CA TYR A 263 1.14 -0.07 -12.87
C TYR A 263 0.74 0.34 -11.46
N ASN A 264 1.73 0.71 -10.63
CA ASN A 264 1.45 1.10 -9.28
C ASN A 264 1.09 2.56 -9.19
N ARG A 265 1.63 3.39 -10.06
CA ARG A 265 1.37 4.87 -9.86
C ARG A 265 0.17 5.41 -10.67
N ILE A 266 -0.11 4.81 -11.83
CA ILE A 266 -1.10 5.37 -12.74
C ILE A 266 -2.31 4.44 -12.84
N GLU A 267 -2.12 3.19 -13.22
CA GLU A 267 -3.28 2.36 -13.54
C GLU A 267 -2.90 0.93 -13.74
N HIS A 268 -3.83 0.05 -13.39
CA HIS A 268 -3.75 -1.32 -13.79
C HIS A 268 -4.33 -1.49 -15.19
N ILE A 269 -3.98 -2.60 -15.87
CA ILE A 269 -4.54 -2.97 -17.21
C ILE A 269 -5.02 -4.42 -17.14
N ASP A 270 -6.17 -4.68 -17.74
CA ASP A 270 -6.75 -6.02 -17.73
C ASP A 270 -6.09 -6.90 -18.75
N VAL A 271 -5.94 -8.17 -18.43
CA VAL A 271 -5.43 -9.19 -19.39
C VAL A 271 -6.48 -10.27 -19.56
N GLU A 272 -6.86 -10.54 -20.80
CA GLU A 272 -7.88 -11.61 -21.03
C GLU A 272 -7.15 -12.89 -21.42
N VAL A 273 -7.52 -14.00 -20.83
CA VAL A 273 -6.81 -15.24 -21.04
C VAL A 273 -7.83 -16.23 -21.62
N THR A 274 -7.48 -16.89 -22.72
CA THR A 274 -8.28 -17.91 -23.39
C THR A 274 -7.41 -19.09 -23.75
N GLU A 275 -7.96 -20.30 -23.65
CA GLU A 275 -7.31 -21.48 -24.17
C GLU A 275 -7.38 -21.55 -25.70
N VAL A 276 -6.24 -21.71 -26.36
CA VAL A 276 -6.20 -21.89 -27.81
C VAL A 276 -5.56 -23.28 -28.17
N GLY B 1 -29.52 -12.84 25.72
CA GLY B 1 -28.14 -13.08 26.23
C GLY B 1 -27.20 -12.07 25.55
N ALA B 2 -25.95 -12.49 25.41
CA ALA B 2 -24.90 -11.68 24.83
C ALA B 2 -25.22 -11.33 23.36
N LEU B 3 -24.80 -10.16 22.94
CA LEU B 3 -24.73 -9.85 21.50
C LEU B 3 -24.02 -10.99 20.80
N LYS B 4 -24.61 -11.43 19.69
CA LYS B 4 -23.89 -12.26 18.73
C LYS B 4 -22.69 -11.54 18.02
N LYS B 5 -21.57 -12.21 17.97
CA LYS B 5 -20.36 -11.67 17.35
C LYS B 5 -20.33 -12.17 15.89
N VAL B 6 -20.38 -11.18 15.04
CA VAL B 6 -20.51 -11.32 13.56
C VAL B 6 -19.34 -10.71 12.87
N LEU B 7 -18.53 -11.57 12.25
CA LEU B 7 -17.27 -11.17 11.58
C LEU B 7 -17.48 -11.09 10.08
N THR B 8 -17.13 -9.97 9.46
CA THR B 8 -17.04 -9.92 8.02
C THR B 8 -15.58 -9.88 7.54
N ILE B 9 -15.31 -10.66 6.51
CA ILE B 9 -13.98 -10.70 5.90
C ILE B 9 -14.20 -10.02 4.57
N ALA B 10 -13.72 -8.77 4.47
CA ALA B 10 -14.25 -7.86 3.49
C ALA B 10 -13.30 -6.70 3.19
N GLY B 11 -13.58 -5.96 2.14
CA GLY B 11 -12.82 -4.78 1.84
C GLY B 11 -13.54 -3.53 2.28
N SER B 12 -12.81 -2.41 2.22
CA SER B 12 -13.37 -1.14 2.63
C SER B 12 -13.82 -0.41 1.42
N ASP B 13 -15.10 -0.02 1.36
CA ASP B 13 -15.61 0.81 0.29
C ASP B 13 -15.53 2.21 0.83
N THR B 14 -14.59 3.02 0.39
CA THR B 14 -14.44 4.38 0.92
C THR B 14 -15.67 5.28 0.84
N SER B 15 -16.51 5.10 -0.18
CA SER B 15 -17.78 5.80 -0.27
C SER B 15 -18.77 5.40 0.76
N ALA B 16 -18.56 4.26 1.37
CA ALA B 16 -19.19 3.76 2.61
C ALA B 16 -20.63 3.18 2.40
N GLY B 17 -21.04 2.91 1.15
CA GLY B 17 -22.32 2.26 0.92
C GLY B 17 -22.28 0.75 0.89
N ALA B 18 -21.14 0.21 0.52
CA ALA B 18 -20.93 -1.18 0.29
C ALA B 18 -19.79 -1.67 1.17
N GLY B 19 -19.30 -2.86 0.85
CA GLY B 19 -18.23 -3.49 1.62
C GLY B 19 -18.40 -3.58 3.12
N MET B 20 -17.30 -3.50 3.85
CA MET B 20 -17.35 -3.67 5.28
C MET B 20 -18.15 -2.58 5.99
N GLN B 21 -18.23 -1.40 5.39
CA GLN B 21 -19.07 -0.34 5.91
C GLN B 21 -20.55 -0.71 5.87
N ALA B 22 -21.02 -1.17 4.72
CA ALA B 22 -22.41 -1.78 4.65
C ALA B 22 -22.58 -2.92 5.67
N ASP B 23 -21.58 -3.75 5.80
CA ASP B 23 -21.63 -4.84 6.79
C ASP B 23 -21.78 -4.41 8.22
N LEU B 24 -20.87 -3.59 8.68
CA LEU B 24 -20.90 -3.05 10.07
C LEU B 24 -22.20 -2.26 10.37
N LYS B 25 -22.60 -1.39 9.46
CA LYS B 25 -23.86 -0.62 9.61
C LYS B 25 -25.07 -1.60 9.77
N THR B 26 -25.10 -2.66 8.97
CA THR B 26 -26.24 -3.59 8.91
C THR B 26 -26.19 -4.43 10.17
N PHE B 27 -25.00 -4.89 10.49
CA PHE B 27 -24.82 -5.68 11.74
C PHE B 27 -25.27 -4.88 13.01
N GLN B 28 -24.96 -3.60 13.01
CA GLN B 28 -25.38 -2.69 14.09
C GLN B 28 -26.91 -2.57 14.15
N GLU B 29 -27.51 -2.27 12.98
CA GLU B 29 -28.95 -2.15 12.82
C GLU B 29 -29.68 -3.38 13.32
N LEU B 30 -29.03 -4.55 13.23
CA LEU B 30 -29.66 -5.84 13.58
CA LEU B 30 -29.59 -5.88 13.53
C LEU B 30 -29.16 -6.43 14.91
N ASP B 31 -28.65 -5.54 15.76
CA ASP B 31 -28.38 -5.83 17.16
C ASP B 31 -27.42 -6.99 17.34
N THR B 32 -26.33 -6.93 16.60
CA THR B 32 -25.21 -7.87 16.72
C THR B 32 -23.93 -7.06 16.89
N TYR B 33 -22.90 -7.73 17.33
CA TYR B 33 -21.59 -7.11 17.49
C TYR B 33 -20.78 -7.29 16.21
N GLY B 34 -20.67 -6.22 15.43
CA GLY B 34 -19.93 -6.31 14.16
C GLY B 34 -18.45 -6.27 14.30
N MET B 35 -17.75 -7.08 13.49
CA MET B 35 -16.25 -7.09 13.43
C MET B 35 -15.80 -7.27 11.98
N VAL B 36 -14.61 -6.80 11.69
CA VAL B 36 -14.12 -6.90 10.32
C VAL B 36 -12.69 -7.35 10.29
N ALA B 37 -12.37 -8.18 9.31
CA ALA B 37 -11.02 -8.39 8.93
C ALA B 37 -10.87 -7.91 7.51
N LEU B 38 -10.13 -6.81 7.38
CA LEU B 38 -9.96 -6.08 6.13
C LEU B 38 -8.98 -6.76 5.15
N THR B 39 -9.46 -6.85 3.90
CA THR B 39 -8.68 -7.46 2.81
C THR B 39 -8.09 -6.47 1.79
N ALA B 40 -8.66 -5.28 1.71
CA ALA B 40 -8.35 -4.37 0.67
C ALA B 40 -9.00 -3.03 0.97
N ILE B 41 -8.59 -2.01 0.23
CA ILE B 41 -9.18 -0.70 0.33
C ILE B 41 -9.55 -0.22 -1.07
N VAL B 42 -10.79 0.22 -1.23
CA VAL B 42 -11.29 0.67 -2.50
C VAL B 42 -11.60 2.15 -2.49
N THR B 43 -10.99 2.84 -3.42
CA THR B 43 -11.13 4.26 -3.57
C THR B 43 -11.60 4.63 -4.96
N MET B 44 -12.04 5.87 -5.09
CA MET B 44 -12.70 6.34 -6.31
C MET B 44 -12.20 7.72 -6.68
N ASP B 45 -11.81 7.86 -7.94
CA ASP B 45 -11.32 9.11 -8.50
C ASP B 45 -12.46 10.13 -8.43
N LYS B 46 -12.17 11.35 -8.00
CA LYS B 46 -13.18 12.38 -7.83
C LYS B 46 -13.81 12.88 -9.17
N ASP B 47 -13.08 12.71 -10.28
CA ASP B 47 -13.56 13.17 -11.60
C ASP B 47 -14.34 12.10 -12.39
N THR B 48 -13.87 10.84 -12.36
CA THR B 48 -14.49 9.70 -13.08
C THR B 48 -15.16 8.68 -12.20
N TRP B 49 -14.81 8.67 -10.91
CA TRP B 49 -15.28 7.61 -10.02
C TRP B 49 -14.75 6.24 -10.42
N SER B 50 -13.64 6.21 -11.12
CA SER B 50 -13.00 4.94 -11.44
C SER B 50 -12.50 4.32 -10.13
N HIS B 51 -12.75 3.01 -9.97
CA HIS B 51 -12.39 2.28 -8.76
C HIS B 51 -10.90 1.96 -8.79
N ASP B 52 -10.29 1.90 -7.61
CA ASP B 52 -8.89 1.55 -7.47
C ASP B 52 -8.87 0.62 -6.28
N VAL B 53 -8.52 -0.63 -6.49
CA VAL B 53 -8.49 -1.60 -5.40
C VAL B 53 -7.02 -1.72 -4.91
N THR B 54 -6.79 -1.46 -3.63
CA THR B 54 -5.50 -1.61 -2.97
C THR B 54 -5.56 -2.79 -2.02
N PRO B 55 -4.88 -3.88 -2.38
CA PRO B 55 -4.91 -5.09 -1.54
C PRO B 55 -4.11 -4.78 -0.32
N LEU B 56 -4.58 -5.26 0.82
CA LEU B 56 -3.73 -5.28 2.01
C LEU B 56 -2.76 -6.50 2.10
N PRO B 57 -1.59 -6.30 2.68
CA PRO B 57 -0.66 -7.45 2.66
C PRO B 57 -1.08 -8.59 3.56
N MET B 58 -0.58 -9.78 3.25
CA MET B 58 -1.05 -10.97 3.92
C MET B 58 -0.66 -10.94 5.41
N ASP B 59 0.47 -10.35 5.76
CA ASP B 59 0.87 -10.30 7.15
C ASP B 59 -0.15 -9.55 8.01
N VAL B 60 -0.60 -8.38 7.58
CA VAL B 60 -1.64 -7.68 8.38
C VAL B 60 -3.00 -8.40 8.26
N PHE B 61 -3.26 -9.07 7.14
CA PHE B 61 -4.50 -9.87 7.02
C PHE B 61 -4.51 -10.99 8.06
N GLU B 62 -3.39 -11.70 8.17
CA GLU B 62 -3.27 -12.80 9.16
C GLU B 62 -3.35 -12.27 10.64
N LYS B 63 -2.78 -11.09 10.89
CA LYS B 63 -2.82 -10.50 12.25
C LYS B 63 -4.31 -10.22 12.64
N GLN B 64 -5.02 -9.64 11.71
CA GLN B 64 -6.44 -9.39 11.94
C GLN B 64 -7.20 -10.66 12.19
N LEU B 65 -6.95 -11.71 11.38
CA LEU B 65 -7.68 -12.98 11.58
C LEU B 65 -7.36 -13.59 12.93
N GLU B 66 -6.12 -13.49 13.36
CA GLU B 66 -5.76 -14.05 14.66
C GLU B 66 -6.59 -13.37 15.79
N THR B 67 -6.69 -12.05 15.76
CA THR B 67 -7.46 -11.35 16.76
C THR B 67 -8.97 -11.77 16.70
N ALA B 68 -9.55 -11.77 15.49
CA ALA B 68 -10.95 -12.19 15.29
C ALA B 68 -11.24 -13.61 15.69
N LEU B 69 -10.38 -14.55 15.32
CA LEU B 69 -10.54 -15.94 15.76
C LEU B 69 -10.47 -16.08 17.28
N SER B 70 -9.55 -15.33 17.89
CA SER B 70 -9.41 -15.33 19.33
C SER B 70 -10.71 -14.83 20.02
N ILE B 71 -11.34 -13.79 19.47
CA ILE B 71 -12.60 -13.25 20.03
C ILE B 71 -13.73 -14.32 19.90
N GLY B 72 -13.75 -15.07 18.81
CA GLY B 72 -14.68 -16.17 18.62
C GLY B 72 -15.98 -15.71 18.00
N PRO B 73 -16.01 -15.55 16.67
CA PRO B 73 -17.21 -15.20 15.91
C PRO B 73 -18.30 -16.30 16.01
N ASP B 74 -19.57 -15.90 16.13
CA ASP B 74 -20.71 -16.85 16.08
C ASP B 74 -21.14 -17.05 14.65
N ALA B 75 -20.83 -16.06 13.79
CA ALA B 75 -21.15 -16.13 12.38
C ALA B 75 -20.11 -15.38 11.57
N ILE B 76 -19.82 -15.87 10.38
CA ILE B 76 -18.84 -15.22 9.49
C ILE B 76 -19.41 -14.98 8.11
N LYS B 77 -19.25 -13.75 7.60
CA LYS B 77 -19.57 -13.41 6.26
C LYS B 77 -18.29 -13.09 5.44
N THR B 78 -18.25 -13.48 4.19
CA THR B 78 -17.19 -13.07 3.31
C THR B 78 -17.74 -12.18 2.24
N GLY B 79 -16.95 -11.14 1.93
CA GLY B 79 -17.28 -10.18 0.87
C GLY B 79 -16.16 -10.17 -0.16
N MET B 80 -15.60 -9.00 -0.42
CA MET B 80 -14.46 -8.88 -1.35
C MET B 80 -13.23 -9.51 -0.75
N LEU B 81 -12.69 -10.51 -1.44
CA LEU B 81 -11.57 -11.28 -0.91
C LEU B 81 -10.34 -10.96 -1.79
N GLY B 82 -10.37 -11.28 -3.06
CA GLY B 82 -9.42 -10.64 -4.00
C GLY B 82 -8.30 -11.53 -4.50
N THR B 83 -7.89 -12.52 -3.70
CA THR B 83 -6.81 -13.43 -4.13
C THR B 83 -7.12 -14.85 -3.72
N GLU B 84 -6.65 -15.81 -4.47
CA GLU B 84 -6.88 -17.21 -4.12
C GLU B 84 -6.39 -17.48 -2.70
N GLU B 85 -5.30 -16.86 -2.30
CA GLU B 85 -4.70 -17.13 -0.99
C GLU B 85 -5.65 -16.70 0.13
N ILE B 86 -6.25 -15.53 -0.02
CA ILE B 86 -7.25 -14.99 0.95
C ILE B 86 -8.50 -15.82 0.95
N ILE B 87 -8.93 -16.27 -0.21
CA ILE B 87 -10.14 -17.09 -0.33
C ILE B 87 -9.94 -18.36 0.47
N LYS B 88 -8.79 -18.99 0.28
CA LYS B 88 -8.58 -20.23 0.99
C LYS B 88 -8.52 -19.97 2.48
N ARG B 89 -7.88 -18.88 2.89
CA ARG B 89 -7.73 -18.59 4.30
C ARG B 89 -9.08 -18.29 4.96
N ALA B 90 -9.97 -17.71 4.19
CA ALA B 90 -11.27 -17.38 4.65
C ALA B 90 -12.04 -18.66 5.05
N GLY B 91 -11.92 -19.72 4.26
CA GLY B 91 -12.64 -20.96 4.53
C GLY B 91 -12.03 -21.59 5.75
N GLU B 92 -10.70 -21.49 5.80
CA GLU B 92 -9.94 -22.13 6.91
C GLU B 92 -10.23 -21.53 8.25
N VAL B 93 -10.36 -20.20 8.31
CA VAL B 93 -10.66 -19.56 9.61
C VAL B 93 -12.09 -19.86 10.04
N TYR B 94 -13.01 -19.94 9.08
CA TYR B 94 -14.37 -20.40 9.40
C TYR B 94 -14.30 -21.80 10.04
N GLU B 95 -13.61 -22.73 9.43
CA GLU B 95 -13.45 -24.10 10.06
C GLU B 95 -12.72 -24.15 11.42
N ALA B 96 -11.71 -23.32 11.56
CA ALA B 96 -10.93 -23.18 12.78
C ALA B 96 -11.75 -22.54 13.92
N SER B 97 -12.71 -21.70 13.55
CA SER B 97 -13.55 -21.03 14.54
C SER B 97 -14.63 -21.97 15.00
N ASN B 98 -15.38 -21.53 16.00
CA ASN B 98 -16.60 -22.25 16.37
C ASN B 98 -17.86 -21.61 15.75
N ALA B 99 -17.69 -20.82 14.68
CA ALA B 99 -18.85 -20.24 14.05
C ALA B 99 -19.77 -21.32 13.45
N GLN B 100 -21.06 -21.16 13.68
CA GLN B 100 -22.06 -22.04 13.19
C GLN B 100 -22.52 -21.61 11.78
N TYR B 101 -22.18 -20.41 11.33
CA TYR B 101 -22.75 -19.93 10.10
C TYR B 101 -21.67 -19.27 9.29
N PHE B 102 -21.70 -19.50 7.98
CA PHE B 102 -20.72 -18.99 6.99
C PHE B 102 -21.59 -18.53 5.83
N VAL B 103 -21.59 -17.22 5.61
CA VAL B 103 -22.36 -16.59 4.49
C VAL B 103 -21.35 -16.03 3.51
N VAL B 104 -21.35 -16.57 2.30
CA VAL B 104 -20.40 -16.26 1.23
C VAL B 104 -21.14 -15.44 0.19
N ASP B 105 -20.69 -14.18 0.03
CA ASP B 105 -21.15 -13.29 -0.96
C ASP B 105 -20.03 -13.26 -1.96
N PRO B 106 -20.21 -13.96 -3.08
CA PRO B 106 -19.14 -14.28 -4.03
C PRO B 106 -18.82 -13.05 -4.89
N VAL B 107 -18.34 -12.00 -4.27
CA VAL B 107 -18.24 -10.68 -4.95
CA VAL B 107 -18.26 -10.71 -4.97
C VAL B 107 -17.18 -10.73 -6.05
N MET B 108 -17.57 -10.34 -7.27
CA MET B 108 -16.64 -10.30 -8.40
C MET B 108 -16.71 -8.90 -9.03
N VAL B 109 -17.86 -8.25 -8.90
CA VAL B 109 -18.08 -6.93 -9.49
C VAL B 109 -18.72 -6.06 -8.41
N LEU B 117 -11.17 -9.55 -10.69
CA LEU B 117 -10.68 -9.58 -12.07
C LEU B 117 -9.97 -10.90 -12.44
N ASN B 118 -10.54 -12.05 -12.04
CA ASN B 118 -9.90 -13.38 -12.22
C ASN B 118 -10.90 -14.56 -12.39
N PRO B 119 -10.75 -15.38 -13.47
CA PRO B 119 -11.44 -16.70 -13.42
C PRO B 119 -10.80 -17.67 -12.39
N GLY B 120 -9.57 -17.37 -11.98
CA GLY B 120 -8.88 -18.09 -10.88
C GLY B 120 -9.61 -17.93 -9.55
N ASN B 121 -10.05 -16.69 -9.26
CA ASN B 121 -10.86 -16.41 -8.08
C ASN B 121 -12.16 -17.19 -8.11
N THR B 122 -12.86 -17.21 -9.24
CA THR B 122 -14.05 -18.03 -9.34
C THR B 122 -13.76 -19.49 -9.00
N GLU B 123 -12.70 -20.06 -9.56
CA GLU B 123 -12.39 -21.44 -9.34
C GLU B 123 -12.11 -21.66 -7.84
N ALA B 124 -11.41 -20.70 -7.25
CA ALA B 124 -11.05 -20.82 -5.86
C ALA B 124 -12.25 -20.72 -4.90
N MET B 125 -13.19 -19.81 -5.17
CA MET B 125 -14.45 -19.76 -4.39
C MET B 125 -15.18 -21.09 -4.45
N ILE B 126 -15.21 -21.68 -5.64
CA ILE B 126 -15.84 -23.01 -5.88
C ILE B 126 -15.20 -24.08 -5.02
N LYS B 127 -13.87 -24.13 -5.13
CA LYS B 127 -13.05 -25.06 -4.37
C LYS B 127 -13.21 -24.91 -2.86
N TYR B 128 -13.04 -23.68 -2.35
CA TYR B 128 -12.79 -23.46 -0.92
C TYR B 128 -13.98 -22.98 -0.11
N LEU B 129 -14.90 -22.27 -0.76
CA LEU B 129 -15.94 -21.52 -0.05
C LEU B 129 -17.30 -22.15 -0.22
N LEU B 130 -17.70 -22.52 -1.44
CA LEU B 130 -18.99 -23.21 -1.62
C LEU B 130 -19.24 -24.45 -0.70
N PRO B 131 -18.24 -25.37 -0.52
CA PRO B 131 -18.57 -26.53 0.31
C PRO B 131 -18.80 -26.23 1.75
N LYS B 132 -18.43 -25.02 2.19
CA LYS B 132 -18.53 -24.68 3.59
C LYS B 132 -19.66 -23.67 3.83
N ALA B 133 -20.30 -23.19 2.77
CA ALA B 133 -21.20 -22.04 2.95
C ALA B 133 -22.50 -22.54 3.53
N THR B 134 -23.02 -21.86 4.54
CA THR B 134 -24.39 -22.07 4.96
C THR B 134 -25.28 -21.43 3.85
N VAL B 135 -24.96 -20.21 3.45
CA VAL B 135 -25.76 -19.57 2.40
C VAL B 135 -24.76 -18.91 1.45
N VAL B 136 -24.96 -19.05 0.12
CA VAL B 136 -24.15 -18.31 -0.85
CA VAL B 136 -24.15 -18.32 -0.87
C VAL B 136 -25.10 -17.38 -1.61
N THR B 137 -24.69 -16.12 -1.81
CA THR B 137 -25.63 -15.08 -2.25
C THR B 137 -25.12 -14.36 -3.54
N PRO B 138 -25.04 -15.09 -4.66
CA PRO B 138 -24.55 -14.51 -5.89
C PRO B 138 -25.58 -13.55 -6.49
N ASN B 139 -25.10 -12.46 -7.08
CA ASN B 139 -25.95 -11.82 -8.03
C ASN B 139 -26.06 -12.61 -9.32
N LEU B 140 -26.83 -12.08 -10.25
CA LEU B 140 -27.17 -12.86 -11.43
C LEU B 140 -25.94 -13.22 -12.28
N PHE B 141 -25.03 -12.28 -12.46
CA PHE B 141 -23.73 -12.47 -13.11
C PHE B 141 -22.85 -13.54 -12.42
N GLU B 142 -22.70 -13.41 -11.10
CA GLU B 142 -21.83 -14.28 -10.30
C GLU B 142 -22.43 -15.69 -10.36
N ALA B 143 -23.76 -15.82 -10.39
CA ALA B 143 -24.37 -17.19 -10.38
C ALA B 143 -24.04 -17.88 -11.69
N GLY B 144 -23.95 -17.10 -12.76
CA GLY B 144 -23.62 -17.62 -14.06
C GLY B 144 -22.18 -18.07 -14.11
N GLN B 145 -21.36 -17.40 -13.29
CA GLN B 145 -19.95 -17.67 -13.28
C GLN B 145 -19.76 -18.88 -12.42
N LEU B 146 -20.30 -18.84 -11.21
CA LEU B 146 -20.21 -20.02 -10.36
C LEU B 146 -20.77 -21.35 -10.90
N SER B 147 -21.84 -21.27 -11.71
CA SER B 147 -22.52 -22.45 -12.26
C SER B 147 -21.92 -22.96 -13.56
N GLY B 148 -21.03 -22.16 -14.17
CA GLY B 148 -20.50 -22.43 -15.49
C GLY B 148 -21.54 -22.28 -16.59
N LEU B 149 -22.65 -21.62 -16.26
CA LEU B 149 -23.72 -21.42 -17.22
C LEU B 149 -23.61 -20.15 -18.09
N GLY B 150 -22.84 -19.15 -17.70
CA GLY B 150 -22.79 -17.90 -18.50
C GLY B 150 -24.03 -17.06 -18.16
N LYS B 151 -24.56 -16.32 -19.13
CA LYS B 151 -25.66 -15.40 -18.88
C LYS B 151 -26.94 -16.14 -18.45
N LEU B 152 -27.52 -15.67 -17.34
CA LEU B 152 -28.85 -16.07 -16.90
C LEU B 152 -29.85 -14.92 -17.22
N ASN B 153 -31.01 -15.25 -17.76
CA ASN B 153 -32.01 -14.20 -17.95
C ASN B 153 -33.45 -14.66 -17.66
N SER B 154 -33.62 -15.76 -16.93
CA SER B 154 -34.96 -16.25 -16.55
C SER B 154 -34.94 -16.95 -15.21
N ILE B 155 -36.13 -17.16 -14.62
CA ILE B 155 -36.28 -17.93 -13.39
C ILE B 155 -35.80 -19.34 -13.64
N GLU B 156 -36.18 -19.91 -14.77
CA GLU B 156 -35.71 -21.26 -15.11
C GLU B 156 -34.19 -21.37 -15.16
N ASP B 157 -33.50 -20.40 -15.82
CA ASP B 157 -32.00 -20.40 -15.77
C ASP B 157 -31.49 -20.32 -14.33
N MET B 158 -32.19 -19.57 -13.49
CA MET B 158 -31.74 -19.34 -12.08
C MET B 158 -31.89 -20.65 -11.29
N LYS B 159 -32.93 -21.39 -11.63
CA LYS B 159 -33.21 -22.70 -11.03
C LYS B 159 -32.07 -23.67 -11.31
N LYS B 160 -31.72 -23.78 -12.60
CA LYS B 160 -30.57 -24.49 -13.07
C LYS B 160 -29.32 -24.04 -12.37
N ALA B 161 -29.02 -22.76 -12.30
CA ALA B 161 -27.81 -22.34 -11.65
C ALA B 161 -27.80 -22.72 -10.19
N ALA B 162 -28.93 -22.54 -9.48
CA ALA B 162 -28.98 -22.77 -8.03
C ALA B 162 -28.75 -24.23 -7.75
N THR B 163 -29.33 -25.10 -8.56
CA THR B 163 -29.09 -26.53 -8.48
CA THR B 163 -29.08 -26.51 -8.38
C THR B 163 -27.60 -26.85 -8.55
N ILE B 164 -26.96 -26.30 -9.57
CA ILE B 164 -25.54 -26.61 -9.78
C ILE B 164 -24.67 -26.13 -8.62
N ILE B 165 -24.98 -24.92 -8.12
CA ILE B 165 -24.25 -24.34 -7.02
C ILE B 165 -24.46 -25.12 -5.75
N PHE B 166 -25.72 -25.55 -5.54
CA PHE B 166 -26.06 -26.42 -4.40
C PHE B 166 -25.23 -27.68 -4.46
N ASP B 167 -25.20 -28.32 -5.64
CA ASP B 167 -24.48 -29.54 -5.86
C ASP B 167 -22.96 -29.41 -5.66
N LYS B 168 -22.42 -28.18 -5.71
CA LYS B 168 -20.99 -27.95 -5.41
C LYS B 168 -20.77 -27.76 -3.91
N GLY B 169 -21.86 -27.90 -3.13
CA GLY B 169 -21.81 -28.02 -1.68
C GLY B 169 -22.36 -26.88 -0.81
N ALA B 170 -22.87 -25.80 -1.42
CA ALA B 170 -23.56 -24.78 -0.68
C ALA B 170 -24.83 -25.33 -0.10
N GLN B 171 -25.04 -25.11 1.17
CA GLN B 171 -26.23 -25.70 1.83
C GLN B 171 -27.56 -24.99 1.41
N HIS B 172 -27.47 -23.68 1.16
CA HIS B 172 -28.58 -22.84 0.69
C HIS B 172 -28.01 -21.83 -0.31
N VAL B 173 -28.78 -21.56 -1.34
CA VAL B 173 -28.37 -20.67 -2.40
C VAL B 173 -29.45 -19.65 -2.61
N ILE B 174 -29.07 -18.40 -2.71
CA ILE B 174 -30.02 -17.44 -3.17
C ILE B 174 -29.39 -16.68 -4.29
N ILE B 175 -30.10 -16.68 -5.40
CA ILE B 175 -29.60 -15.99 -6.56
C ILE B 175 -30.46 -14.78 -6.72
N LYS B 176 -29.82 -13.62 -6.77
CA LYS B 176 -30.50 -12.39 -6.83
C LYS B 176 -30.73 -12.06 -8.27
N GLY B 177 -31.97 -11.74 -8.59
CA GLY B 177 -32.31 -11.33 -9.91
C GLY B 177 -32.23 -9.81 -10.00
N GLY B 178 -33.17 -9.18 -9.36
CA GLY B 178 -33.20 -7.72 -9.22
C GLY B 178 -33.40 -7.07 -10.57
N LYS B 179 -32.75 -5.91 -10.71
CA LYS B 179 -32.75 -5.15 -11.98
C LYS B 179 -32.03 -5.89 -13.11
N ALA B 180 -31.27 -6.92 -12.75
CA ALA B 180 -30.59 -7.69 -13.79
C ALA B 180 -31.57 -8.51 -14.70
N LEU B 181 -32.78 -8.78 -14.19
CA LEU B 181 -33.87 -9.39 -14.97
C LEU B 181 -34.83 -8.35 -15.50
N ASP B 182 -35.14 -8.44 -16.79
CA ASP B 182 -36.06 -7.51 -17.40
C ASP B 182 -37.51 -7.73 -16.96
N GLN B 183 -37.80 -7.51 -15.68
CA GLN B 183 -39.17 -7.63 -15.21
C GLN B 183 -39.62 -6.45 -14.34
N ASP B 184 -40.94 -6.32 -14.25
CA ASP B 184 -41.58 -5.23 -13.52
C ASP B 184 -41.35 -5.29 -11.98
N LYS B 185 -41.05 -6.49 -11.45
CA LYS B 185 -40.77 -6.65 -10.02
C LYS B 185 -39.38 -7.21 -9.81
N SER B 186 -38.95 -7.15 -8.56
CA SER B 186 -37.66 -7.65 -8.13
C SER B 186 -37.72 -9.08 -7.60
N TYR B 187 -37.15 -10.00 -8.36
CA TYR B 187 -37.21 -11.44 -8.09
C TYR B 187 -35.86 -11.95 -7.63
N ASP B 188 -35.83 -12.78 -6.60
CA ASP B 188 -34.67 -13.57 -6.26
C ASP B 188 -35.12 -15.03 -6.15
N LEU B 189 -34.16 -15.98 -6.24
CA LEU B 189 -34.52 -17.36 -6.17
C LEU B 189 -33.75 -17.99 -5.01
N TYR B 190 -34.48 -18.56 -4.05
CA TYR B 190 -33.87 -19.31 -2.98
C TYR B 190 -34.04 -20.83 -3.23
N TYR B 191 -33.02 -21.61 -2.94
CA TYR B 191 -33.07 -23.05 -3.05
C TYR B 191 -32.38 -23.69 -1.84
N ASP B 192 -33.00 -24.71 -1.28
CA ASP B 192 -32.46 -25.43 -0.13
C ASP B 192 -32.13 -26.90 -0.46
N GLY B 193 -32.09 -27.26 -1.76
CA GLY B 193 -31.97 -28.69 -2.15
C GLY B 193 -33.27 -29.48 -2.25
N GLN B 194 -34.39 -28.82 -1.92
CA GLN B 194 -35.72 -29.50 -1.86
C GLN B 194 -36.82 -28.68 -2.51
N THR B 195 -36.83 -27.37 -2.19
CA THR B 195 -37.86 -26.46 -2.75
C THR B 195 -37.21 -25.24 -3.37
N PHE B 196 -37.78 -24.77 -4.48
CA PHE B 196 -37.36 -23.51 -5.15
C PHE B 196 -38.35 -22.47 -4.76
N TYR B 197 -37.88 -21.43 -4.09
CA TYR B 197 -38.73 -20.35 -3.59
C TYR B 197 -38.37 -19.03 -4.29
N GLN B 198 -39.34 -18.43 -4.96
CA GLN B 198 -39.19 -17.14 -5.57
C GLN B 198 -39.56 -16.07 -4.56
N LEU B 199 -38.69 -15.10 -4.36
CA LEU B 199 -38.98 -14.03 -3.42
C LEU B 199 -39.20 -12.75 -4.22
N THR B 200 -40.28 -12.01 -3.94
CA THR B 200 -40.64 -10.84 -4.74
C THR B 200 -40.94 -9.58 -3.89
N THR B 201 -40.45 -8.43 -4.36
CA THR B 201 -40.96 -7.16 -3.89
C THR B 201 -41.17 -6.37 -5.16
N ASP B 202 -41.80 -5.22 -4.99
CA ASP B 202 -41.78 -4.20 -6.01
C ASP B 202 -40.36 -3.84 -6.46
N MET B 203 -40.24 -3.53 -7.73
CA MET B 203 -39.01 -2.97 -8.25
C MET B 203 -38.99 -1.55 -7.84
N PHE B 204 -37.89 -1.07 -7.29
CA PHE B 204 -37.80 0.32 -6.83
C PHE B 204 -36.89 1.06 -7.74
N GLN B 205 -36.79 2.38 -7.47
CA GLN B 205 -35.87 3.24 -8.19
C GLN B 205 -34.50 2.56 -8.30
N GLN B 206 -33.91 2.66 -9.50
CA GLN B 206 -32.65 1.96 -9.82
C GLN B 206 -31.41 2.86 -9.84
N SER B 207 -31.60 4.18 -9.64
CA SER B 207 -30.49 5.11 -9.71
C SER B 207 -29.50 4.98 -8.55
N TYR B 208 -30.04 4.80 -7.34
CA TYR B 208 -29.30 4.78 -6.06
C TYR B 208 -29.49 3.45 -5.35
N ASN B 209 -28.69 2.43 -5.70
CA ASN B 209 -28.79 1.11 -5.11
C ASN B 209 -27.38 0.59 -4.71
N HIS B 210 -26.42 1.50 -4.59
CA HIS B 210 -25.09 1.08 -4.29
C HIS B 210 -25.07 0.52 -2.87
N GLY B 211 -24.51 -0.69 -2.75
CA GLY B 211 -24.45 -1.38 -1.45
C GLY B 211 -25.55 -2.37 -1.21
N ALA B 212 -26.52 -2.46 -2.12
CA ALA B 212 -27.58 -3.49 -1.98
C ALA B 212 -27.11 -4.91 -1.75
N GLY B 213 -26.19 -5.39 -2.54
CA GLY B 213 -25.69 -6.78 -2.42
C GLY B 213 -25.04 -7.08 -1.11
N CYS B 214 -24.12 -6.20 -0.73
CA CYS B 214 -23.45 -6.34 0.57
C CYS B 214 -24.40 -6.30 1.77
N THR B 215 -25.33 -5.34 1.73
CA THR B 215 -26.32 -5.23 2.78
C THR B 215 -27.19 -6.51 2.90
N PHE B 216 -27.56 -7.08 1.78
CA PHE B 216 -28.40 -8.25 1.72
C PHE B 216 -27.70 -9.43 2.42
N ALA B 217 -26.40 -9.62 2.08
CA ALA B 217 -25.63 -10.71 2.63
C ALA B 217 -25.27 -10.45 4.09
N ALA B 218 -24.92 -9.19 4.39
CA ALA B 218 -24.80 -8.78 5.85
C ALA B 218 -26.05 -9.07 6.70
N ALA B 219 -27.24 -8.69 6.24
CA ALA B 219 -28.49 -8.93 6.96
C ALA B 219 -28.82 -10.37 7.09
N THR B 220 -28.55 -11.14 6.01
CA THR B 220 -28.65 -12.61 6.08
C THR B 220 -27.83 -13.21 7.24
N THR B 221 -26.61 -12.76 7.37
CA THR B 221 -25.69 -13.26 8.31
C THR B 221 -26.15 -12.94 9.77
N ALA B 222 -26.61 -11.71 10.01
CA ALA B 222 -27.04 -11.26 11.33
C ALA B 222 -28.34 -11.97 11.76
N TYR B 223 -29.28 -12.08 10.80
CA TYR B 223 -30.54 -12.80 11.04
C TYR B 223 -30.27 -14.27 11.37
N LEU B 224 -29.32 -14.91 10.67
CA LEU B 224 -28.86 -16.25 11.06
C LEU B 224 -28.29 -16.33 12.45
N ALA B 225 -27.34 -15.42 12.73
CA ALA B 225 -26.69 -15.35 14.04
C ALA B 225 -27.70 -15.17 15.15
N ASN B 226 -28.76 -14.40 14.88
CA ASN B 226 -29.81 -14.09 15.86
C ASN B 226 -30.92 -15.15 15.89
N GLY B 227 -30.80 -16.21 15.09
CA GLY B 227 -31.58 -17.42 15.33
C GLY B 227 -32.60 -17.77 14.26
N LYS B 228 -32.74 -16.96 13.21
CA LYS B 228 -33.61 -17.34 12.12
C LYS B 228 -33.05 -18.49 11.29
N SER B 229 -33.94 -19.33 10.77
CA SER B 229 -33.47 -20.38 9.82
C SER B 229 -32.97 -19.71 8.54
N PRO B 230 -32.15 -20.41 7.74
CA PRO B 230 -31.71 -19.87 6.47
C PRO B 230 -32.84 -19.27 5.58
N LYS B 231 -33.90 -20.01 5.36
CA LYS B 231 -35.08 -19.52 4.60
C LYS B 231 -35.60 -18.15 5.16
N GLU B 232 -35.85 -18.12 6.44
CA GLU B 232 -36.38 -16.93 7.10
C GLU B 232 -35.40 -15.75 7.14
N ALA B 233 -34.11 -16.07 7.33
CA ALA B 233 -32.98 -15.10 7.24
C ALA B 233 -32.93 -14.41 5.89
N VAL B 234 -33.08 -15.19 4.81
CA VAL B 234 -33.08 -14.63 3.48
CA VAL B 234 -33.08 -14.57 3.46
C VAL B 234 -34.34 -13.79 3.18
N ILE B 235 -35.49 -14.26 3.63
CA ILE B 235 -36.74 -13.55 3.45
C ILE B 235 -36.65 -12.22 4.23
N SER B 236 -36.14 -12.28 5.43
CA SER B 236 -35.99 -11.07 6.26
C SER B 236 -34.96 -10.12 5.68
N ALA B 237 -33.85 -10.68 5.15
CA ALA B 237 -32.79 -9.88 4.49
C ALA B 237 -33.29 -9.14 3.25
N LYS B 238 -34.16 -9.81 2.48
CA LYS B 238 -34.73 -9.17 1.28
C LYS B 238 -35.57 -7.96 1.64
N ALA B 239 -36.35 -8.12 2.68
CA ALA B 239 -37.17 -7.00 3.20
C ALA B 239 -36.31 -5.84 3.70
N PHE B 240 -35.27 -6.20 4.42
CA PHE B 240 -34.33 -5.23 5.05
C PHE B 240 -33.70 -4.42 3.94
N VAL B 241 -33.22 -5.10 2.91
CA VAL B 241 -32.56 -4.40 1.81
C VAL B 241 -33.55 -3.66 0.92
N ALA B 242 -34.76 -4.19 0.78
CA ALA B 242 -35.75 -3.51 -0.10
C ALA B 242 -36.07 -2.16 0.46
N SER B 243 -36.12 -2.07 1.79
CA SER B 243 -36.37 -0.78 2.44
CA SER B 243 -36.37 -0.73 2.42
C SER B 243 -35.18 0.17 2.19
N ALA B 244 -34.00 -0.39 2.29
CA ALA B 244 -32.77 0.35 2.11
C ALA B 244 -32.69 0.91 0.70
N ILE B 245 -33.07 0.10 -0.29
CA ILE B 245 -33.07 0.53 -1.70
C ILE B 245 -34.11 1.56 -1.99
N LYS B 246 -35.31 1.32 -1.48
CA LYS B 246 -36.37 2.30 -1.66
CA LYS B 246 -36.37 2.31 -1.67
C LYS B 246 -35.92 3.73 -1.24
N ASN B 247 -35.15 3.77 -0.17
CA ASN B 247 -34.82 5.04 0.49
C ASN B 247 -33.38 5.46 0.19
N GLY B 248 -32.82 4.95 -0.87
CA GLY B 248 -31.39 5.29 -1.16
C GLY B 248 -31.43 6.73 -1.68
N TRP B 249 -30.28 7.33 -1.78
CA TRP B 249 -30.18 8.78 -2.06
C TRP B 249 -29.00 9.06 -2.94
N LYS B 250 -28.99 10.25 -3.56
CA LYS B 250 -27.95 10.58 -4.53
C LYS B 250 -26.68 11.06 -3.87
N MET B 251 -25.58 10.34 -4.04
CA MET B 251 -24.26 10.76 -3.49
C MET B 251 -23.54 11.73 -4.41
N ASN B 252 -23.40 11.37 -5.68
CA ASN B 252 -22.92 12.34 -6.69
C ASN B 252 -23.51 11.88 -8.04
N ASP B 253 -22.96 12.34 -9.16
CA ASP B 253 -23.47 11.94 -10.48
C ASP B 253 -23.27 10.48 -10.82
N PHE B 254 -22.44 9.81 -10.06
CA PHE B 254 -22.01 8.44 -10.38
C PHE B 254 -22.74 7.40 -9.59
N VAL B 255 -23.03 7.70 -8.33
CA VAL B 255 -23.47 6.70 -7.37
C VAL B 255 -24.42 7.31 -6.30
N GLY B 256 -25.22 6.43 -5.71
CA GLY B 256 -26.13 6.77 -4.63
C GLY B 256 -26.33 5.52 -3.81
N PRO B 257 -26.08 5.59 -2.48
CA PRO B 257 -26.13 4.35 -1.70
C PRO B 257 -27.51 4.08 -1.13
N VAL B 258 -27.78 2.80 -0.87
CA VAL B 258 -28.92 2.39 -0.06
C VAL B 258 -28.79 3.00 1.37
N ASP B 259 -29.97 3.25 1.94
CA ASP B 259 -30.05 3.68 3.34
C ASP B 259 -30.15 2.48 4.28
N HIS B 260 -29.03 2.07 4.85
CA HIS B 260 -28.96 0.83 5.54
C HIS B 260 -29.90 0.82 6.75
N GLY B 261 -30.17 2.01 7.31
CA GLY B 261 -31.06 2.15 8.48
C GLY B 261 -32.56 2.34 8.21
N ALA B 262 -32.98 2.19 6.95
CA ALA B 262 -34.37 2.50 6.56
C ALA B 262 -35.43 1.52 7.12
N TYR B 263 -35.09 0.23 7.18
CA TYR B 263 -35.95 -0.79 7.68
C TYR B 263 -36.37 -0.40 9.10
N ASN B 264 -35.44 0.11 9.88
CA ASN B 264 -35.74 0.31 11.31
C ASN B 264 -36.28 1.72 11.55
N ARG B 265 -35.93 2.66 10.69
CA ARG B 265 -36.23 4.08 10.90
C ARG B 265 -37.45 4.54 10.11
N ILE B 266 -37.62 4.00 8.91
CA ILE B 266 -38.61 4.57 7.97
C ILE B 266 -39.79 3.59 7.76
N GLU B 267 -39.50 2.37 7.29
CA GLU B 267 -40.56 1.47 6.81
C GLU B 267 -40.13 0.02 6.53
N HIS B 268 -41.11 -0.88 6.62
CA HIS B 268 -40.94 -2.29 6.20
C HIS B 268 -41.49 -2.45 4.83
N ILE B 269 -40.88 -3.35 4.08
CA ILE B 269 -41.32 -3.74 2.73
C ILE B 269 -41.74 -5.21 2.77
N ASP B 270 -42.93 -5.48 2.19
CA ASP B 270 -43.46 -6.83 2.11
C ASP B 270 -42.73 -7.65 1.06
N VAL B 271 -42.37 -8.87 1.42
CA VAL B 271 -41.78 -9.82 0.49
C VAL B 271 -42.78 -10.97 0.25
N GLU B 272 -43.18 -11.10 -0.99
CA GLU B 272 -43.99 -12.21 -1.46
C GLU B 272 -43.16 -13.46 -1.75
N VAL B 273 -43.53 -14.57 -1.11
CA VAL B 273 -42.83 -15.83 -1.17
C VAL B 273 -43.70 -16.89 -1.88
N THR B 274 -43.19 -17.43 -3.00
CA THR B 274 -43.89 -18.43 -3.74
C THR B 274 -42.97 -19.55 -4.23
N GLU B 275 -43.52 -20.76 -4.36
CA GLU B 275 -42.81 -21.88 -4.94
C GLU B 275 -42.86 -21.86 -6.47
N VAL B 276 -41.72 -22.05 -7.08
CA VAL B 276 -41.64 -22.01 -8.54
C VAL B 276 -40.94 -23.24 -9.06
N ALA C 2 -32.48 14.53 4.58
CA ALA C 2 -31.26 13.87 4.02
C ALA C 2 -30.29 13.55 5.16
N LEU C 3 -29.58 12.44 5.04
CA LEU C 3 -28.70 11.97 6.08
C LEU C 3 -27.46 12.89 6.08
N LYS C 4 -27.01 13.28 7.30
CA LYS C 4 -25.78 14.02 7.44
C LYS C 4 -24.61 13.09 7.18
N LYS C 5 -23.63 13.56 6.44
CA LYS C 5 -22.49 12.73 6.13
C LYS C 5 -21.40 13.08 7.13
N VAL C 6 -20.94 12.05 7.81
CA VAL C 6 -20.01 12.20 8.89
C VAL C 6 -18.81 11.30 8.64
N LEU C 7 -17.66 11.91 8.45
CA LEU C 7 -16.41 11.27 8.18
C LEU C 7 -15.62 11.15 9.46
N THR C 8 -15.06 9.96 9.75
CA THR C 8 -14.03 9.82 10.78
C THR C 8 -12.67 9.55 10.08
N ILE C 9 -11.62 10.28 10.50
CA ILE C 9 -10.25 9.98 10.05
C ILE C 9 -9.61 9.23 11.17
N ALA C 10 -9.40 7.92 10.98
CA ALA C 10 -9.20 7.07 12.13
C ALA C 10 -8.61 5.73 11.83
N GLY C 11 -8.20 5.01 12.89
CA GLY C 11 -7.66 3.67 12.73
C GLY C 11 -8.72 2.59 12.86
N SER C 12 -8.37 1.42 12.38
CA SER C 12 -9.12 0.21 12.64
C SER C 12 -8.73 -0.51 13.93
N ASP C 13 -9.66 -0.57 14.88
CA ASP C 13 -9.51 -1.43 16.07
C ASP C 13 -10.06 -2.80 15.65
N THR C 14 -9.21 -3.81 15.49
CA THR C 14 -9.70 -5.06 15.03
C THR C 14 -10.70 -5.73 16.02
N SER C 15 -10.53 -5.51 17.31
CA SER C 15 -11.46 -6.08 18.31
C SER C 15 -12.83 -5.42 18.23
N ALA C 16 -12.92 -4.30 17.49
CA ALA C 16 -14.13 -3.65 17.04
C ALA C 16 -14.94 -2.83 18.12
N GLY C 17 -14.35 -2.53 19.26
CA GLY C 17 -14.97 -1.74 20.30
C GLY C 17 -14.61 -0.27 20.24
N ALA C 18 -13.39 -0.04 19.74
CA ALA C 18 -12.86 1.30 19.62
C ALA C 18 -12.64 1.71 18.20
N GLY C 19 -11.88 2.79 18.01
CA GLY C 19 -11.56 3.23 16.62
C GLY C 19 -12.68 3.51 15.60
N MET C 20 -12.40 3.29 14.35
CA MET C 20 -13.35 3.51 13.31
C MET C 20 -14.60 2.60 13.45
N GLN C 21 -14.43 1.45 14.13
CA GLN C 21 -15.56 0.53 14.44
C GLN C 21 -16.56 1.22 15.39
N ALA C 22 -16.05 1.79 16.47
CA ALA C 22 -16.87 2.60 17.34
C ALA C 22 -17.53 3.71 16.66
N ASP C 23 -16.76 4.42 15.84
CA ASP C 23 -17.26 5.59 15.09
C ASP C 23 -18.44 5.18 14.16
N LEU C 24 -18.24 4.19 13.28
CA LEU C 24 -19.26 3.85 12.31
C LEU C 24 -20.51 3.35 13.02
N LYS C 25 -20.34 2.53 14.04
CA LYS C 25 -21.40 2.01 14.81
C LYS C 25 -22.26 3.14 15.46
N THR C 26 -21.59 4.12 16.07
CA THR C 26 -22.23 5.25 16.77
C THR C 26 -22.89 6.16 15.75
N PHE C 27 -22.20 6.46 14.67
CA PHE C 27 -22.81 7.24 13.62
C PHE C 27 -24.15 6.60 13.08
N GLN C 28 -24.18 5.28 12.93
CA GLN C 28 -25.36 4.63 12.45
C GLN C 28 -26.43 4.74 13.51
N GLU C 29 -26.04 4.46 14.76
CA GLU C 29 -26.94 4.48 15.92
C GLU C 29 -27.61 5.88 16.03
N LEU C 30 -26.93 6.94 15.61
CA LEU C 30 -27.46 8.32 15.62
C LEU C 30 -28.00 8.88 14.30
N ASP C 31 -28.35 7.96 13.39
CA ASP C 31 -29.03 8.29 12.16
C ASP C 31 -28.25 9.27 11.27
N THR C 32 -26.94 9.04 11.14
CA THR C 32 -26.12 9.77 10.17
C THR C 32 -25.52 8.74 9.20
N TYR C 33 -24.95 9.27 8.12
CA TYR C 33 -24.26 8.43 7.18
C TYR C 33 -22.77 8.41 7.50
N GLY C 34 -22.30 7.29 8.08
CA GLY C 34 -20.92 7.26 8.45
C GLY C 34 -19.93 6.93 7.34
N MET C 35 -18.78 7.57 7.38
CA MET C 35 -17.69 7.32 6.41
C MET C 35 -16.38 7.31 7.18
N VAL C 36 -15.41 6.50 6.71
CA VAL C 36 -14.06 6.45 7.25
C VAL C 36 -12.92 6.59 6.23
N ALA C 37 -11.88 7.38 6.61
CA ALA C 37 -10.59 7.36 5.94
C ALA C 37 -9.60 6.78 6.95
N LEU C 38 -9.16 5.54 6.65
CA LEU C 38 -8.36 4.70 7.49
C LEU C 38 -6.87 5.08 7.46
N THR C 39 -6.33 5.24 8.65
CA THR C 39 -4.96 5.61 8.86
C THR C 39 -4.04 4.45 9.17
N ALA C 40 -4.60 3.40 9.75
CA ALA C 40 -3.79 2.32 10.32
C ALA C 40 -4.69 1.18 10.74
N ILE C 41 -4.11 0.00 10.94
CA ILE C 41 -4.87 -1.13 11.42
C ILE C 41 -4.15 -1.55 12.71
N VAL C 42 -4.95 -1.65 13.79
CA VAL C 42 -4.45 -2.19 15.09
C VAL C 42 -4.99 -3.64 15.34
N THR C 43 -4.05 -4.50 15.60
CA THR C 43 -4.36 -5.88 15.90
C THR C 43 -3.80 -6.23 17.25
N MET C 44 -4.27 -7.38 17.77
CA MET C 44 -3.86 -7.84 19.14
C MET C 44 -3.48 -9.31 19.15
N ASP C 45 -2.43 -9.59 19.93
CA ASP C 45 -1.88 -10.92 20.04
C ASP C 45 -2.85 -11.77 20.81
N LYS C 46 -3.09 -12.99 20.33
CA LYS C 46 -4.09 -13.86 20.91
C LYS C 46 -3.81 -14.21 22.40
N ASP C 47 -2.54 -14.28 22.76
CA ASP C 47 -2.10 -14.71 24.10
C ASP C 47 -1.94 -13.62 25.14
N THR C 48 -1.42 -12.47 24.71
CA THR C 48 -1.10 -11.31 25.58
C THR C 48 -1.97 -10.05 25.37
N TRP C 49 -2.68 -10.04 24.25
CA TRP C 49 -3.47 -8.93 23.81
C TRP C 49 -2.60 -7.72 23.49
N SER C 50 -1.32 -7.95 23.23
CA SER C 50 -0.42 -6.85 22.97
C SER C 50 -0.74 -6.28 21.59
N HIS C 51 -0.80 -4.94 21.51
CA HIS C 51 -1.21 -4.25 20.33
C HIS C 51 -0.08 -4.14 19.33
N ASP C 52 -0.43 -4.21 18.04
CA ASP C 52 0.52 -4.00 16.92
C ASP C 52 -0.17 -3.00 15.98
N VAL C 53 0.50 -1.87 15.70
CA VAL C 53 -0.09 -0.78 14.88
C VAL C 53 0.60 -0.88 13.52
N THR C 54 -0.16 -1.18 12.48
CA THR C 54 0.32 -1.28 11.10
C THR C 54 -0.23 -0.01 10.42
N PRO C 55 0.63 0.98 10.20
CA PRO C 55 0.17 2.10 9.42
C PRO C 55 -0.23 1.73 8.04
N LEU C 56 -1.13 2.49 7.45
CA LEU C 56 -1.40 2.25 6.05
C LEU C 56 -0.41 3.13 5.20
N PRO C 57 -0.11 2.72 3.95
CA PRO C 57 0.72 3.55 3.08
C PRO C 57 0.08 4.92 2.85
N MET C 58 0.88 6.00 2.84
CA MET C 58 0.37 7.34 2.62
CA MET C 58 0.35 7.32 2.65
C MET C 58 -0.43 7.46 1.35
N ASP C 59 -0.01 6.79 0.27
CA ASP C 59 -0.73 6.97 -1.02
C ASP C 59 -2.15 6.48 -0.89
N VAL C 60 -2.37 5.38 -0.17
CA VAL C 60 -3.75 4.91 0.04
C VAL C 60 -4.58 5.75 1.04
N PHE C 61 -3.89 6.34 2.03
CA PHE C 61 -4.52 7.34 2.87
C PHE C 61 -4.99 8.50 2.00
N GLU C 62 -4.13 9.04 1.12
CA GLU C 62 -4.53 10.22 0.32
C GLU C 62 -5.60 9.83 -0.69
N LYS C 63 -5.55 8.62 -1.21
CA LYS C 63 -6.62 8.23 -2.13
C LYS C 63 -7.99 8.28 -1.36
N GLN C 64 -8.01 7.85 -0.11
CA GLN C 64 -9.24 7.80 0.67
C GLN C 64 -9.77 9.18 0.90
N LEU C 65 -8.83 10.06 1.30
CA LEU C 65 -9.16 11.44 1.49
C LEU C 65 -9.80 12.00 0.31
N GLU C 66 -9.25 11.72 -0.89
CA GLU C 66 -9.76 12.37 -2.12
C GLU C 66 -11.24 11.97 -2.36
N THR C 67 -11.52 10.68 -2.19
CA THR C 67 -12.88 10.23 -2.34
C THR C 67 -13.83 10.89 -1.31
N ALA C 68 -13.42 10.90 -0.04
CA ALA C 68 -14.27 11.48 1.07
C ALA C 68 -14.52 12.95 0.86
N LEU C 69 -13.48 13.65 0.42
CA LEU C 69 -13.63 15.08 0.25
C LEU C 69 -14.61 15.30 -0.94
N SER C 70 -14.50 14.47 -1.97
CA SER C 70 -15.43 14.58 -3.11
C SER C 70 -16.91 14.40 -2.69
N ILE C 71 -17.12 13.44 -1.81
CA ILE C 71 -18.46 13.16 -1.30
C ILE C 71 -19.04 14.33 -0.52
N GLY C 72 -18.17 15.02 0.24
CA GLY C 72 -18.55 16.24 0.94
C GLY C 72 -19.15 16.00 2.32
N PRO C 73 -18.29 15.77 3.34
CA PRO C 73 -18.80 15.54 4.70
C PRO C 73 -19.44 16.75 5.29
N ASP C 74 -20.49 16.57 6.13
CA ASP C 74 -21.07 17.68 6.92
C ASP C 74 -20.31 17.91 8.22
N ALA C 75 -19.67 16.86 8.67
CA ALA C 75 -18.87 16.90 9.88
C ALA C 75 -17.74 15.95 9.76
N ILE C 76 -16.67 16.28 10.44
CA ILE C 76 -15.50 15.40 10.51
C ILE C 76 -14.97 15.19 11.91
N LYS C 77 -14.60 13.95 12.22
CA LYS C 77 -13.99 13.60 13.49
C LYS C 77 -12.61 13.06 13.18
N THR C 78 -11.64 13.36 14.05
CA THR C 78 -10.33 12.72 13.96
C THR C 78 -10.17 11.82 15.15
N GLY C 79 -9.55 10.71 14.89
CA GLY C 79 -9.13 9.79 15.94
C GLY C 79 -7.63 9.55 15.88
N MET C 80 -7.24 8.29 15.87
CA MET C 80 -5.81 7.93 15.78
C MET C 80 -5.20 8.32 14.45
N LEU C 81 -4.27 9.25 14.51
CA LEU C 81 -3.68 9.84 13.30
C LEU C 81 -2.22 9.36 13.11
N GLY C 82 -1.45 9.19 14.16
CA GLY C 82 -0.23 8.42 14.03
C GLY C 82 1.01 9.25 13.75
N THR C 83 0.93 10.23 12.83
CA THR C 83 2.06 11.09 12.55
C THR C 83 1.68 12.57 12.48
N GLU C 84 2.71 13.39 12.60
CA GLU C 84 2.57 14.85 12.41
C GLU C 84 2.09 15.18 11.01
N GLU C 85 2.47 14.39 10.03
CA GLU C 85 2.03 14.61 8.68
C GLU C 85 0.54 14.32 8.45
N ILE C 86 0.05 13.23 9.06
CA ILE C 86 -1.37 12.89 8.98
C ILE C 86 -2.16 13.90 9.78
N ILE C 87 -1.58 14.36 10.89
CA ILE C 87 -2.22 15.39 11.69
C ILE C 87 -2.51 16.67 10.84
N LYS C 88 -1.52 17.10 10.08
CA LYS C 88 -1.61 18.30 9.32
C LYS C 88 -2.66 18.11 8.21
N ARG C 89 -2.60 16.98 7.52
CA ARG C 89 -3.54 16.68 6.43
C ARG C 89 -4.99 16.67 6.89
N ALA C 90 -5.17 16.20 8.12
CA ALA C 90 -6.49 16.09 8.65
C ALA C 90 -7.08 17.49 8.83
N GLY C 91 -6.28 18.45 9.27
CA GLY C 91 -6.77 19.80 9.39
C GLY C 91 -7.06 20.35 8.04
N GLU C 92 -6.19 20.01 7.10
CA GLU C 92 -6.34 20.57 5.74
C GLU C 92 -7.54 20.00 5.06
N VAL C 93 -7.85 18.71 5.25
CA VAL C 93 -9.07 18.19 4.62
CA VAL C 93 -9.08 18.13 4.68
C VAL C 93 -10.33 18.88 5.22
N TYR C 94 -10.35 19.11 6.54
CA TYR C 94 -11.46 19.83 7.15
C TYR C 94 -11.61 21.19 6.47
N GLU C 95 -10.50 21.88 6.35
CA GLU C 95 -10.57 23.23 5.74
C GLU C 95 -10.98 23.24 4.29
N ALA C 96 -10.61 22.22 3.53
CA ALA C 96 -10.91 22.18 2.07
C ALA C 96 -12.38 21.80 1.89
N SER C 97 -12.92 21.01 2.84
CA SER C 97 -14.31 20.53 2.79
C SER C 97 -15.27 21.67 3.15
N ASN C 98 -16.56 21.47 2.98
CA ASN C 98 -17.55 22.46 3.45
C ASN C 98 -18.18 22.01 4.76
N ALA C 99 -17.43 21.24 5.55
CA ALA C 99 -18.00 20.70 6.75
C ALA C 99 -18.07 21.85 7.76
N GLN C 100 -19.09 21.90 8.63
CA GLN C 100 -19.26 23.03 9.58
C GLN C 100 -18.75 22.65 10.97
N TYR C 101 -18.57 21.32 11.17
CA TYR C 101 -18.07 20.81 12.44
C TYR C 101 -16.84 19.93 12.33
N PHE C 102 -15.92 20.16 13.24
CA PHE C 102 -14.67 19.37 13.38
C PHE C 102 -14.49 18.99 14.86
N VAL C 103 -14.51 17.70 15.15
CA VAL C 103 -14.38 17.17 16.50
C VAL C 103 -13.03 16.44 16.55
N VAL C 104 -12.13 16.94 17.38
CA VAL C 104 -10.81 16.41 17.43
C VAL C 104 -10.70 15.58 18.73
N ASP C 105 -10.57 14.26 18.57
CA ASP C 105 -10.32 13.36 19.69
C ASP C 105 -8.79 13.11 19.72
N PRO C 106 -8.08 13.71 20.70
CA PRO C 106 -6.62 13.86 20.55
C PRO C 106 -5.87 12.60 20.98
N VAL C 107 -6.16 11.49 20.34
CA VAL C 107 -5.76 10.21 20.89
C VAL C 107 -4.28 10.02 20.88
N MET C 108 -3.80 9.77 22.10
CA MET C 108 -2.43 9.46 22.41
C MET C 108 -2.43 8.07 23.06
N ASN C 118 5.58 11.04 22.20
CA ASN C 118 5.69 11.94 21.07
C ASN C 118 5.33 13.38 21.46
N PRO C 119 6.31 14.09 22.04
CA PRO C 119 6.17 15.54 22.09
C PRO C 119 5.78 16.06 20.69
N GLY C 120 6.28 15.38 19.64
CA GLY C 120 6.02 15.76 18.28
C GLY C 120 4.56 15.77 17.85
N ASN C 121 3.85 14.66 18.08
CA ASN C 121 2.44 14.61 17.71
C ASN C 121 1.61 15.60 18.51
N THR C 122 1.94 15.77 19.79
CA THR C 122 1.20 16.75 20.65
C THR C 122 1.33 18.16 20.09
N GLU C 123 2.54 18.54 19.69
CA GLU C 123 2.79 19.88 19.14
C GLU C 123 2.02 20.05 17.85
N ALA C 124 2.03 18.98 17.04
CA ALA C 124 1.33 18.98 15.76
C ALA C 124 -0.19 19.18 15.99
N MET C 125 -0.74 18.48 16.97
CA MET C 125 -2.17 18.68 17.32
C MET C 125 -2.48 20.10 17.69
N ILE C 126 -1.64 20.68 18.55
CA ILE C 126 -1.77 22.05 19.00
C ILE C 126 -1.69 22.99 17.84
N LYS C 127 -0.74 22.78 16.94
CA LYS C 127 -0.51 23.72 15.81
C LYS C 127 -1.60 23.63 14.69
N TYR C 128 -2.02 22.41 14.35
CA TYR C 128 -2.89 22.20 13.19
C TYR C 128 -4.36 21.90 13.50
N LEU C 129 -4.66 21.23 14.61
CA LEU C 129 -6.03 20.75 14.86
C LEU C 129 -6.77 21.62 15.86
N LEU C 130 -6.13 21.91 17.00
CA LEU C 130 -6.82 22.69 18.05
C LEU C 130 -7.46 23.97 17.48
N PRO C 131 -6.77 24.69 16.59
CA PRO C 131 -7.35 25.96 16.16
C PRO C 131 -8.52 25.84 15.21
N LYS C 132 -8.74 24.64 14.69
CA LYS C 132 -9.83 24.35 13.80
C LYS C 132 -11.00 23.71 14.50
N ALA C 133 -10.81 23.20 15.74
CA ALA C 133 -11.76 22.28 16.42
C ALA C 133 -12.96 23.01 16.89
N THR C 134 -14.11 22.48 16.51
CA THR C 134 -15.39 22.80 17.09
C THR C 134 -15.37 22.39 18.53
N VAL C 135 -15.00 21.13 18.73
CA VAL C 135 -14.88 20.54 20.09
C VAL C 135 -13.62 19.69 20.11
N VAL C 136 -12.84 19.81 21.18
CA VAL C 136 -11.71 18.93 21.38
C VAL C 136 -11.99 18.14 22.66
N THR C 137 -11.69 16.86 22.60
CA THR C 137 -12.19 15.89 23.58
C THR C 137 -11.11 15.04 24.29
N PRO C 138 -10.14 15.69 24.92
CA PRO C 138 -9.09 14.92 25.56
C PRO C 138 -9.58 14.18 26.79
N ASN C 139 -9.10 12.95 26.98
CA ASN C 139 -9.07 12.37 28.27
C ASN C 139 -8.10 13.08 29.22
N LEU C 140 -8.11 12.63 30.47
CA LEU C 140 -7.40 13.32 31.46
C LEU C 140 -5.88 13.34 31.17
N PHE C 141 -5.35 12.22 30.68
CA PHE C 141 -3.98 12.15 30.29
C PHE C 141 -3.65 13.11 29.16
N GLU C 142 -4.51 13.12 28.13
CA GLU C 142 -4.27 13.88 26.94
C GLU C 142 -4.34 15.36 27.26
N ALA C 143 -5.25 15.70 28.19
CA ALA C 143 -5.44 17.11 28.56
C ALA C 143 -4.19 17.65 29.24
N GLY C 144 -3.55 16.78 30.03
CA GLY C 144 -2.29 17.16 30.71
C GLY C 144 -1.18 17.42 29.73
N GLN C 145 -1.19 16.68 28.64
CA GLN C 145 -0.22 16.88 27.60
C GLN C 145 -0.46 18.07 26.78
N LEU C 146 -1.70 18.23 26.32
CA LEU C 146 -2.05 19.38 25.45
C LEU C 146 -1.82 20.74 26.15
N SER C 147 -2.07 20.78 27.45
CA SER C 147 -1.97 21.99 28.23
C SER C 147 -0.58 22.21 28.78
N GLY C 148 0.28 21.19 28.75
CA GLY C 148 1.63 21.27 29.33
C GLY C 148 1.64 21.21 30.86
N LEU C 149 0.48 21.00 31.47
CA LEU C 149 0.40 20.95 32.92
C LEU C 149 0.83 19.60 33.48
N GLY C 150 0.89 18.59 32.64
CA GLY C 150 1.11 17.21 33.09
C GLY C 150 -0.03 16.61 33.89
N LYS C 151 0.29 15.90 34.96
CA LYS C 151 -0.76 15.15 35.63
C LYS C 151 -1.86 16.04 36.28
N LEU C 152 -3.12 15.77 35.95
CA LEU C 152 -4.28 16.51 36.42
C LEU C 152 -5.05 15.60 37.40
N ASN C 153 -5.46 16.13 38.54
CA ASN C 153 -5.97 15.30 39.66
C ASN C 153 -7.27 15.80 40.21
N SER C 154 -7.79 16.90 39.70
CA SER C 154 -8.89 17.57 40.39
C SER C 154 -9.63 18.36 39.34
N ILE C 155 -10.82 18.82 39.69
CA ILE C 155 -11.63 19.59 38.78
C ILE C 155 -10.94 20.94 38.60
N GLU C 156 -10.34 21.45 39.67
CA GLU C 156 -9.50 22.67 39.53
C GLU C 156 -8.34 22.52 38.50
N ASP C 157 -7.56 21.42 38.50
CA ASP C 157 -6.52 21.16 37.46
C ASP C 157 -7.20 21.07 36.09
N MET C 158 -8.38 20.44 36.01
CA MET C 158 -9.13 20.36 34.74
C MET C 158 -9.54 21.75 34.24
N LYS C 159 -9.94 22.64 35.13
CA LYS C 159 -10.33 23.97 34.66
C LYS C 159 -9.15 24.68 34.01
N LYS C 160 -8.02 24.61 34.71
CA LYS C 160 -6.77 25.27 34.21
C LYS C 160 -6.35 24.69 32.85
N ALA C 161 -6.34 23.33 32.72
CA ALA C 161 -6.05 22.67 31.40
C ALA C 161 -7.02 23.10 30.32
N ALA C 162 -8.29 23.22 30.67
CA ALA C 162 -9.30 23.56 29.66
C ALA C 162 -9.09 24.98 29.24
N THR C 163 -8.69 25.79 30.20
CA THR C 163 -8.44 27.24 29.90
C THR C 163 -7.33 27.32 28.86
N ILE C 164 -6.25 26.61 29.14
CA ILE C 164 -5.09 26.60 28.26
C ILE C 164 -5.44 26.10 26.86
N ILE C 165 -6.18 24.99 26.80
CA ILE C 165 -6.50 24.36 25.48
C ILE C 165 -7.39 25.31 24.67
N PHE C 166 -8.35 25.91 25.35
CA PHE C 166 -9.21 26.94 24.72
C PHE C 166 -8.38 28.11 24.15
N ASP C 167 -7.45 28.61 24.94
CA ASP C 167 -6.62 29.73 24.48
C ASP C 167 -5.77 29.34 23.28
N LYS C 168 -5.50 28.06 23.13
CA LYS C 168 -4.76 27.55 21.96
C LYS C 168 -5.61 27.41 20.67
N GLY C 169 -6.91 27.68 20.77
CA GLY C 169 -7.80 27.91 19.61
C GLY C 169 -9.04 27.02 19.55
N ALA C 170 -9.12 25.99 20.40
CA ALA C 170 -10.31 25.13 20.36
C ALA C 170 -11.51 25.93 20.86
N GLN C 171 -12.59 25.94 20.10
CA GLN C 171 -13.78 26.73 20.41
C GLN C 171 -14.52 26.16 21.64
N HIS C 172 -14.44 24.86 21.87
CA HIS C 172 -15.10 24.20 22.98
C HIS C 172 -14.20 23.02 23.43
N VAL C 173 -14.09 22.86 24.74
CA VAL C 173 -13.23 21.80 25.28
C VAL C 173 -14.08 20.97 26.20
N ILE C 174 -13.88 19.66 26.11
CA ILE C 174 -14.40 18.79 27.13
C ILE C 174 -13.23 17.97 27.62
N ILE C 175 -12.89 18.08 28.90
CA ILE C 175 -11.85 17.21 29.46
C ILE C 175 -12.57 16.14 30.17
N LYS C 176 -12.33 14.89 29.76
CA LYS C 176 -12.97 13.76 30.42
C LYS C 176 -12.17 13.42 31.71
N GLY C 177 -12.87 13.18 32.84
CA GLY C 177 -12.24 12.68 34.04
C GLY C 177 -12.49 11.20 34.11
N GLY C 178 -13.75 10.84 34.28
CA GLY C 178 -14.18 9.47 34.28
C GLY C 178 -13.40 8.63 35.30
N LYS C 179 -13.03 7.42 34.93
CA LYS C 179 -12.39 6.57 35.93
C LYS C 179 -10.97 6.98 36.20
N ALA C 180 -10.36 7.74 35.29
CA ALA C 180 -9.01 8.21 35.49
C ALA C 180 -8.94 9.17 36.70
N LEU C 181 -10.04 9.90 36.92
CA LEU C 181 -10.10 10.85 37.99
C LEU C 181 -10.33 10.14 39.29
N ASP C 182 -10.85 8.91 39.23
CA ASP C 182 -10.87 7.99 40.38
C ASP C 182 -11.68 8.54 41.56
N GLN C 183 -12.78 9.23 41.23
CA GLN C 183 -13.73 9.75 42.23
C GLN C 183 -15.03 8.92 42.26
N ASP C 184 -15.97 9.34 43.09
CA ASP C 184 -17.12 8.50 43.35
C ASP C 184 -18.16 8.51 42.18
N LYS C 185 -18.08 9.52 41.34
CA LYS C 185 -18.96 9.70 40.16
C LYS C 185 -18.05 9.87 38.94
N SER C 186 -18.62 9.85 37.72
CA SER C 186 -17.85 10.02 36.50
C SER C 186 -18.05 11.49 36.02
N TYR C 187 -17.07 12.34 36.29
CA TYR C 187 -17.15 13.80 36.08
C TYR C 187 -16.43 14.14 34.82
N ASP C 188 -17.00 14.98 33.99
CA ASP C 188 -16.23 15.57 32.85
C ASP C 188 -16.36 17.05 33.03
N LEU C 189 -15.45 17.82 32.46
CA LEU C 189 -15.54 19.28 32.50
C LEU C 189 -15.60 19.87 31.11
N TYR C 190 -16.69 20.56 30.81
CA TYR C 190 -16.93 21.26 29.55
C TYR C 190 -16.64 22.77 29.75
N TYR C 191 -16.00 23.41 28.79
CA TYR C 191 -15.68 24.81 28.81
C TYR C 191 -15.87 25.43 27.42
N ASP C 192 -16.51 26.58 27.45
CA ASP C 192 -16.79 27.25 26.23
C ASP C 192 -16.17 28.64 26.17
N GLY C 193 -15.24 28.90 27.09
CA GLY C 193 -14.50 30.14 27.09
C GLY C 193 -15.18 31.17 27.96
N GLN C 194 -16.40 30.88 28.38
CA GLN C 194 -17.14 31.77 29.26
C GLN C 194 -17.48 31.08 30.60
N THR C 195 -17.93 29.82 30.52
CA THR C 195 -18.43 29.08 31.69
C THR C 195 -17.89 27.67 31.71
N PHE C 196 -17.63 27.15 32.91
CA PHE C 196 -17.15 25.80 33.05
C PHE C 196 -18.33 25.04 33.55
N TYR C 197 -18.62 23.97 32.86
CA TYR C 197 -19.71 23.08 33.30
C TYR C 197 -19.16 21.70 33.61
N GLN C 198 -19.43 21.21 34.82
CA GLN C 198 -19.18 19.83 35.26
C GLN C 198 -20.38 18.99 34.88
N LEU C 199 -20.09 17.94 34.13
CA LEU C 199 -21.09 16.95 33.72
C LEU C 199 -20.82 15.69 34.49
N THR C 200 -21.88 15.09 35.03
CA THR C 200 -21.80 14.00 35.94
C THR C 200 -22.78 12.86 35.58
N THR C 201 -22.32 11.59 35.59
CA THR C 201 -23.19 10.43 35.81
C THR C 201 -22.54 9.66 36.91
N ASP C 202 -23.24 8.65 37.40
CA ASP C 202 -22.67 7.66 38.26
C ASP C 202 -21.54 6.99 37.57
N MET C 203 -20.65 6.46 38.40
CA MET C 203 -19.51 5.63 37.91
C MET C 203 -20.06 4.21 37.67
N PHE C 204 -19.98 3.72 36.44
CA PHE C 204 -20.51 2.36 36.16
C PHE C 204 -19.38 1.37 36.21
N GLN C 205 -19.69 0.05 36.08
CA GLN C 205 -18.67 -0.96 36.10
C GLN C 205 -17.51 -0.52 35.18
N GLN C 206 -16.32 -0.83 35.63
CA GLN C 206 -15.09 -0.41 35.05
C GLN C 206 -14.34 -1.47 34.29
N SER C 207 -14.77 -2.74 34.37
CA SER C 207 -14.03 -3.81 33.74
C SER C 207 -14.12 -3.75 32.22
N TYR C 208 -15.32 -3.51 31.70
CA TYR C 208 -15.56 -3.58 30.23
C TYR C 208 -15.93 -2.21 29.73
N ASN C 209 -14.88 -1.42 29.46
CA ASN C 209 -15.06 -0.03 29.07
C ASN C 209 -14.36 0.31 27.71
N HIS C 210 -13.87 -0.70 27.00
CA HIS C 210 -13.15 -0.48 25.71
C HIS C 210 -14.00 0.19 24.64
N GLY C 211 -13.50 1.34 24.16
CA GLY C 211 -14.15 2.17 23.14
C GLY C 211 -14.94 3.33 23.66
N ALA C 212 -14.92 3.51 24.97
CA ALA C 212 -15.74 4.59 25.59
C ALA C 212 -15.33 5.98 25.05
N GLY C 213 -14.03 6.28 25.02
CA GLY C 213 -13.55 7.59 24.49
C GLY C 213 -13.96 7.80 22.98
N CYS C 214 -13.62 6.85 22.12
CA CYS C 214 -13.99 6.89 20.73
C CYS C 214 -15.50 7.09 20.60
N THR C 215 -16.31 6.32 21.29
CA THR C 215 -17.80 6.48 21.15
C THR C 215 -18.25 7.87 21.59
N PHE C 216 -17.62 8.35 22.67
CA PHE C 216 -17.99 9.66 23.18
C PHE C 216 -17.75 10.70 22.09
N ALA C 217 -16.53 10.73 21.53
CA ALA C 217 -16.28 11.78 20.46
C ALA C 217 -17.14 11.60 19.17
N ALA C 218 -17.38 10.32 18.78
CA ALA C 218 -18.25 9.91 17.63
C ALA C 218 -19.65 10.45 17.87
N ALA C 219 -20.21 10.22 19.04
CA ALA C 219 -21.57 10.73 19.36
C ALA C 219 -21.57 12.24 19.35
N THR C 220 -20.52 12.88 19.89
CA THR C 220 -20.46 14.35 19.88
C THR C 220 -20.59 14.87 18.45
N THR C 221 -19.84 14.24 17.54
CA THR C 221 -19.78 14.61 16.09
C THR C 221 -21.13 14.44 15.46
N ALA C 222 -21.76 13.30 15.70
CA ALA C 222 -23.11 13.12 15.09
C ALA C 222 -24.16 14.01 15.66
N TYR C 223 -24.13 14.22 16.99
CA TYR C 223 -25.04 15.24 17.59
C TYR C 223 -24.87 16.63 17.01
N LEU C 224 -23.66 17.09 16.89
CA LEU C 224 -23.44 18.35 16.15
C LEU C 224 -24.00 18.31 14.72
N ALA C 225 -23.67 17.30 13.95
CA ALA C 225 -24.13 17.23 12.56
C ALA C 225 -25.65 17.33 12.45
N ASN C 226 -26.31 16.68 13.35
CA ASN C 226 -27.76 16.71 13.38
C ASN C 226 -28.41 17.95 14.05
N GLY C 227 -27.64 18.96 14.41
CA GLY C 227 -28.19 20.28 14.79
C GLY C 227 -28.11 20.68 16.27
N LYS C 228 -27.54 19.84 17.13
CA LYS C 228 -27.37 20.28 18.53
C LYS C 228 -26.21 21.28 18.65
N SER C 229 -26.36 22.25 19.56
CA SER C 229 -25.25 23.16 19.92
C SER C 229 -24.09 22.33 20.48
N PRO C 230 -22.91 22.91 20.57
CA PRO C 230 -21.80 22.19 21.22
C PRO C 230 -22.07 21.68 22.67
N LYS C 231 -22.69 22.49 23.51
CA LYS C 231 -23.00 22.12 24.87
C LYS C 231 -23.98 20.95 24.91
N GLU C 232 -25.09 21.07 24.16
CA GLU C 232 -26.11 20.01 24.10
C GLU C 232 -25.53 18.74 23.47
N ALA C 233 -24.62 18.91 22.52
CA ALA C 233 -23.99 17.71 21.86
C ALA C 233 -23.13 16.97 22.83
N VAL C 234 -22.37 17.67 23.66
CA VAL C 234 -21.45 17.00 24.59
CA VAL C 234 -21.46 16.95 24.58
C VAL C 234 -22.24 16.33 25.72
N ILE C 235 -23.32 16.99 26.15
CA ILE C 235 -24.14 16.42 27.24
C ILE C 235 -24.80 15.14 26.72
N SER C 236 -25.30 15.22 25.50
CA SER C 236 -25.99 14.08 24.85
C SER C 236 -25.01 12.98 24.58
N ALA C 237 -23.79 13.34 24.15
CA ALA C 237 -22.74 12.31 24.01
C ALA C 237 -22.37 11.58 25.31
N LYS C 238 -22.29 12.30 26.41
CA LYS C 238 -22.02 11.72 27.71
C LYS C 238 -23.13 10.71 28.08
N ALA C 239 -24.37 11.09 27.89
CA ALA C 239 -25.53 10.19 28.12
C ALA C 239 -25.46 8.88 27.26
N PHE C 240 -25.16 9.05 25.99
CA PHE C 240 -25.02 7.96 25.00
C PHE C 240 -23.90 6.99 25.41
N VAL C 241 -22.73 7.52 25.70
CA VAL C 241 -21.61 6.66 26.09
C VAL C 241 -21.81 6.06 27.50
N ALA C 242 -22.52 6.74 28.41
CA ALA C 242 -22.78 6.24 29.76
C ALA C 242 -23.56 4.95 29.66
N SER C 243 -24.62 4.96 28.83
CA SER C 243 -25.39 3.76 28.53
CA SER C 243 -25.36 3.76 28.57
C SER C 243 -24.51 2.62 27.99
N ALA C 244 -23.72 2.95 26.96
CA ALA C 244 -22.80 2.00 26.35
C ALA C 244 -21.89 1.36 27.39
N ILE C 245 -21.32 2.19 28.30
CA ILE C 245 -20.40 1.75 29.35
C ILE C 245 -21.10 0.91 30.35
N LYS C 246 -22.29 1.32 30.80
CA LYS C 246 -23.02 0.50 31.80
C LYS C 246 -23.29 -0.89 31.27
N ASN C 247 -23.48 -0.99 29.97
CA ASN C 247 -23.84 -2.27 29.35
C ASN C 247 -22.70 -2.95 28.63
N GLY C 248 -21.47 -2.62 29.05
CA GLY C 248 -20.27 -3.28 28.51
C GLY C 248 -20.22 -4.76 28.84
N TRP C 249 -19.45 -5.51 28.06
CA TRP C 249 -19.51 -6.99 28.16
C TRP C 249 -18.16 -7.63 28.04
N LYS C 250 -17.95 -8.78 28.68
CA LYS C 250 -16.60 -9.41 28.70
C LYS C 250 -16.26 -10.08 27.36
N MET C 251 -15.18 -9.60 26.70
CA MET C 251 -14.68 -10.22 25.47
C MET C 251 -13.67 -11.33 25.68
N ASN C 252 -12.73 -11.11 26.57
CA ASN C 252 -11.80 -12.16 27.05
C ASN C 252 -11.21 -11.66 28.34
N ASP C 253 -10.10 -12.22 28.78
CA ASP C 253 -9.58 -11.82 30.08
C ASP C 253 -8.86 -10.47 30.04
N PHE C 254 -8.76 -9.82 28.91
CA PHE C 254 -7.98 -8.58 28.87
C PHE C 254 -8.88 -7.36 28.71
N VAL C 255 -10.10 -7.55 28.19
CA VAL C 255 -10.87 -6.43 27.65
C VAL C 255 -12.37 -6.74 27.41
N GLY C 256 -13.18 -5.70 27.34
CA GLY C 256 -14.61 -5.81 27.08
C GLY C 256 -15.06 -4.47 26.55
N PRO C 257 -15.75 -4.47 25.40
CA PRO C 257 -16.23 -3.24 24.78
C PRO C 257 -17.52 -2.71 25.41
N VAL C 258 -17.70 -1.42 25.26
CA VAL C 258 -18.94 -0.76 25.56
C VAL C 258 -19.96 -1.30 24.55
N ASP C 259 -21.24 -1.27 24.88
CA ASP C 259 -22.28 -1.61 23.96
C ASP C 259 -22.81 -0.37 23.27
N HIS C 260 -22.28 -0.09 22.08
CA HIS C 260 -22.53 1.15 21.38
C HIS C 260 -24.06 1.34 21.18
N GLY C 261 -24.80 0.25 21.06
CA GLY C 261 -26.28 0.27 20.82
C GLY C 261 -27.11 0.48 22.09
N ALA C 262 -26.47 0.61 23.25
CA ALA C 262 -27.24 0.46 24.52
C ALA C 262 -28.23 1.65 24.82
N TYR C 263 -27.86 2.84 24.44
CA TYR C 263 -28.65 4.05 24.65
C TYR C 263 -29.99 3.97 23.94
N ASN C 264 -29.99 3.46 22.71
CA ASN C 264 -31.24 3.21 21.99
C ASN C 264 -31.98 1.92 22.34
N ARG C 265 -31.25 0.85 22.67
CA ARG C 265 -31.85 -0.46 22.78
C ARG C 265 -32.14 -0.89 24.22
N ILE C 266 -31.34 -0.38 25.16
CA ILE C 266 -31.39 -0.84 26.58
C ILE C 266 -31.88 0.27 27.50
N GLU C 267 -31.16 1.37 27.61
CA GLU C 267 -31.52 2.43 28.62
C GLU C 267 -30.94 3.80 28.34
N HIS C 268 -31.63 4.84 28.82
CA HIS C 268 -31.24 6.20 28.63
C HIS C 268 -30.70 6.66 30.00
N ILE C 269 -29.44 7.08 30.09
CA ILE C 269 -28.81 7.54 31.36
C ILE C 269 -28.87 9.08 31.41
N ASP C 270 -29.24 9.63 32.55
CA ASP C 270 -29.36 11.09 32.67
C ASP C 270 -28.03 11.71 33.11
N VAL C 271 -27.77 12.90 32.60
CA VAL C 271 -26.54 13.59 32.92
C VAL C 271 -26.89 14.78 33.78
N GLU C 272 -26.13 14.94 34.84
CA GLU C 272 -26.26 16.10 35.73
C GLU C 272 -25.30 17.13 35.28
N VAL C 273 -25.76 18.39 35.24
CA VAL C 273 -24.97 19.50 34.73
C VAL C 273 -24.99 20.62 35.73
N THR C 274 -23.80 21.02 36.17
CA THR C 274 -23.60 22.06 37.17
C THR C 274 -22.46 23.02 36.77
N GLU C 275 -22.60 24.31 37.10
CA GLU C 275 -21.54 25.27 36.85
C GLU C 275 -20.55 25.19 37.99
N VAL C 276 -19.26 25.22 37.64
CA VAL C 276 -18.18 25.17 38.62
C VAL C 276 -17.09 26.21 38.36
N GLY D 1 2.86 16.22 -15.60
CA GLY D 1 4.14 16.51 -16.31
C GLY D 1 5.05 15.27 -16.43
N ALA D 2 6.16 15.48 -17.13
CA ALA D 2 7.10 14.41 -17.49
C ALA D 2 7.86 13.89 -16.24
N LEU D 3 8.31 12.63 -16.20
CA LEU D 3 9.16 12.21 -15.09
C LEU D 3 10.45 12.98 -15.14
N LYS D 4 10.93 13.42 -13.97
CA LYS D 4 12.25 14.07 -13.92
C LYS D 4 13.36 13.04 -14.14
N LYS D 5 14.34 13.39 -14.97
CA LYS D 5 15.47 12.53 -15.35
C LYS D 5 16.58 12.83 -14.33
N VAL D 6 16.89 11.83 -13.52
CA VAL D 6 17.92 11.96 -12.48
C VAL D 6 19.07 10.98 -12.72
N LEU D 7 20.27 11.53 -12.86
CA LEU D 7 21.47 10.69 -13.16
C LEU D 7 22.29 10.54 -11.92
N THR D 8 22.72 9.31 -11.59
CA THR D 8 23.74 9.14 -10.61
C THR D 8 25.04 8.73 -11.31
N ILE D 9 26.12 9.27 -10.84
CA ILE D 9 27.45 8.96 -11.34
C ILE D 9 28.12 8.21 -10.15
N ALA D 10 28.23 6.93 -10.31
CA ALA D 10 28.40 6.07 -9.17
C ALA D 10 28.92 4.70 -9.51
N GLY D 11 29.37 4.00 -8.49
CA GLY D 11 29.85 2.64 -8.64
C GLY D 11 28.73 1.66 -8.37
N SER D 12 28.95 0.41 -8.72
CA SER D 12 28.04 -0.64 -8.44
C SER D 12 28.37 -1.33 -7.14
N ASP D 13 27.41 -1.43 -6.24
CA ASP D 13 27.56 -2.17 -4.98
C ASP D 13 26.91 -3.53 -5.22
N THR D 14 27.72 -4.53 -5.56
CA THR D 14 27.16 -5.79 -5.91
C THR D 14 26.12 -6.25 -4.87
N SER D 15 26.36 -6.00 -3.59
CA SER D 15 25.42 -6.43 -2.53
C SER D 15 24.04 -5.76 -2.63
N ALA D 16 24.04 -4.61 -3.30
CA ALA D 16 22.86 -3.93 -3.82
C ALA D 16 22.10 -3.04 -2.76
N GLY D 17 22.73 -2.82 -1.61
CA GLY D 17 22.19 -1.97 -0.56
C GLY D 17 22.55 -0.51 -0.77
N ALA D 18 23.73 -0.26 -1.31
CA ALA D 18 24.27 1.05 -1.52
C ALA D 18 24.62 1.30 -2.99
N GLY D 19 25.48 2.28 -3.22
CA GLY D 19 25.93 2.53 -4.59
C GLY D 19 24.80 2.86 -5.53
N MET D 20 25.00 2.58 -6.81
CA MET D 20 24.04 2.89 -7.84
C MET D 20 22.76 2.12 -7.69
N GLN D 21 22.86 0.95 -7.09
CA GLN D 21 21.70 0.20 -6.71
C GLN D 21 20.75 0.95 -5.77
N ALA D 22 21.24 1.41 -4.62
CA ALA D 22 20.41 2.30 -3.74
C ALA D 22 19.89 3.53 -4.49
N ASP D 23 20.69 4.04 -5.42
CA ASP D 23 20.28 5.28 -6.11
C ASP D 23 19.07 5.07 -7.07
N LEU D 24 19.18 4.03 -7.92
CA LEU D 24 18.13 3.71 -8.86
C LEU D 24 16.89 3.28 -8.12
N LYS D 25 17.05 2.51 -7.05
CA LYS D 25 15.91 2.09 -6.26
C LYS D 25 15.15 3.30 -5.67
N THR D 26 15.93 4.20 -5.09
CA THR D 26 15.43 5.40 -4.41
C THR D 26 14.81 6.25 -5.43
N PHE D 27 15.53 6.49 -6.52
CA PHE D 27 14.93 7.26 -7.60
C PHE D 27 13.56 6.68 -8.09
N GLN D 28 13.49 5.37 -8.20
CA GLN D 28 12.27 4.69 -8.64
C GLN D 28 11.13 4.96 -7.62
N GLU D 29 11.48 4.88 -6.34
CA GLU D 29 10.55 4.97 -5.26
C GLU D 29 9.99 6.34 -5.24
N LEU D 30 10.76 7.30 -5.70
CA LEU D 30 10.41 8.68 -5.62
C LEU D 30 9.97 9.22 -6.97
N ASP D 31 9.48 8.34 -7.83
CA ASP D 31 8.74 8.81 -9.03
C ASP D 31 9.55 9.74 -9.93
N THR D 32 10.81 9.34 -10.13
CA THR D 32 11.71 9.99 -11.09
C THR D 32 12.20 8.89 -12.02
N TYR D 33 12.82 9.31 -13.12
CA TYR D 33 13.44 8.36 -14.09
C TYR D 33 14.93 8.27 -13.79
N GLY D 34 15.32 7.17 -13.22
CA GLY D 34 16.64 7.01 -12.78
C GLY D 34 17.64 6.56 -13.87
N MET D 35 18.83 7.11 -13.81
CA MET D 35 19.86 6.75 -14.77
C MET D 35 21.21 6.67 -14.05
N VAL D 36 22.16 5.89 -14.60
CA VAL D 36 23.47 5.75 -14.02
C VAL D 36 24.55 5.80 -15.08
N ALA D 37 25.62 6.51 -14.74
CA ALA D 37 26.95 6.31 -15.41
C ALA D 37 27.89 5.60 -14.39
N LEU D 38 28.28 4.36 -14.68
CA LEU D 38 29.05 3.51 -13.79
C LEU D 38 30.53 3.85 -13.75
N THR D 39 31.09 3.97 -12.56
CA THR D 39 32.49 4.37 -12.42
C THR D 39 33.40 3.18 -12.05
N ALA D 40 32.82 2.17 -11.43
CA ALA D 40 33.52 1.11 -10.82
C ALA D 40 32.55 0.01 -10.37
N ILE D 41 33.10 -1.17 -10.11
CA ILE D 41 32.38 -2.32 -9.59
C ILE D 41 32.99 -2.84 -8.26
N VAL D 42 32.17 -2.84 -7.23
CA VAL D 42 32.57 -3.19 -5.88
C VAL D 42 31.97 -4.54 -5.59
N THR D 43 32.84 -5.51 -5.29
CA THR D 43 32.47 -6.86 -4.84
C THR D 43 32.99 -7.16 -3.44
N MET D 44 32.46 -8.21 -2.84
CA MET D 44 32.86 -8.63 -1.51
C MET D 44 33.18 -10.09 -1.41
N ASP D 45 34.21 -10.37 -0.60
CA ASP D 45 34.67 -11.75 -0.42
C ASP D 45 33.59 -12.49 0.32
N LYS D 46 33.35 -13.73 -0.07
CA LYS D 46 32.29 -14.51 0.56
C LYS D 46 32.50 -14.90 2.04
N ASP D 47 33.75 -14.98 2.47
CA ASP D 47 34.07 -15.39 3.85
C ASP D 47 34.36 -14.23 4.78
N THR D 48 34.93 -13.14 4.26
CA THR D 48 35.30 -11.99 5.08
C THR D 48 34.51 -10.70 4.81
N TRP D 49 33.77 -10.64 3.69
CA TRP D 49 33.13 -9.39 3.24
C TRP D 49 34.07 -8.28 2.88
N SER D 50 35.34 -8.58 2.78
CA SER D 50 36.33 -7.62 2.37
C SER D 50 35.99 -7.13 0.97
N HIS D 51 35.99 -5.81 0.78
CA HIS D 51 35.67 -5.22 -0.53
C HIS D 51 36.84 -5.25 -1.48
N ASP D 52 36.50 -5.32 -2.76
CA ASP D 52 37.44 -5.24 -3.86
C ASP D 52 36.84 -4.23 -4.84
N VAL D 53 37.61 -3.21 -5.22
CA VAL D 53 37.12 -2.22 -6.19
C VAL D 53 37.76 -2.40 -7.57
N THR D 54 36.97 -2.81 -8.56
CA THR D 54 37.43 -2.97 -9.92
C THR D 54 37.01 -1.68 -10.63
N PRO D 55 37.99 -0.90 -11.12
CA PRO D 55 37.70 0.33 -11.86
C PRO D 55 37.17 -0.02 -13.22
N LEU D 56 36.28 0.82 -13.75
CA LEU D 56 35.92 0.69 -15.15
C LEU D 56 36.82 1.55 -16.02
N PRO D 57 37.02 1.16 -17.28
CA PRO D 57 37.88 1.92 -18.18
C PRO D 57 37.36 3.34 -18.39
N MET D 58 38.26 4.32 -18.39
CA MET D 58 37.80 5.66 -18.69
C MET D 58 37.03 5.79 -20.02
N ASP D 59 37.40 5.03 -21.03
CA ASP D 59 36.73 5.06 -22.34
C ASP D 59 35.20 4.73 -22.20
N VAL D 60 34.89 3.75 -21.38
CA VAL D 60 33.47 3.39 -21.16
C VAL D 60 32.74 4.38 -20.23
N PHE D 61 33.49 4.95 -19.31
CA PHE D 61 32.93 5.96 -18.38
C PHE D 61 32.53 7.17 -19.25
N GLU D 62 33.42 7.67 -20.10
CA GLU D 62 33.10 8.78 -21.00
C GLU D 62 31.97 8.51 -21.97
N LYS D 63 31.92 7.33 -22.55
CA LYS D 63 30.79 6.97 -23.45
C LYS D 63 29.47 6.94 -22.72
N GLN D 64 29.42 6.40 -21.50
CA GLN D 64 28.22 6.50 -20.66
C GLN D 64 27.77 7.92 -20.39
N LEU D 65 28.76 8.74 -20.05
CA LEU D 65 28.51 10.17 -19.87
C LEU D 65 27.96 10.89 -21.10
N GLU D 66 28.49 10.63 -22.28
CA GLU D 66 27.92 11.17 -23.53
C GLU D 66 26.43 10.81 -23.72
N THR D 67 26.13 9.55 -23.47
CA THR D 67 24.76 9.10 -23.60
C THR D 67 23.84 9.86 -22.60
N ALA D 68 24.22 9.86 -21.33
CA ALA D 68 23.46 10.53 -20.29
C ALA D 68 23.31 12.01 -20.56
N LEU D 69 24.38 12.69 -20.93
CA LEU D 69 24.25 14.15 -21.21
C LEU D 69 23.29 14.42 -22.35
N SER D 70 23.38 13.59 -23.37
CA SER D 70 22.52 13.74 -24.53
C SER D 70 21.03 13.62 -24.12
N ILE D 71 20.74 12.64 -23.29
CA ILE D 71 19.37 12.52 -22.76
C ILE D 71 18.95 13.77 -21.99
N GLY D 72 19.88 14.41 -21.23
CA GLY D 72 19.58 15.68 -20.53
C GLY D 72 19.01 15.47 -19.14
N PRO D 73 19.87 15.21 -18.14
CA PRO D 73 19.39 15.12 -16.78
C PRO D 73 18.83 16.46 -16.25
N ASP D 74 17.82 16.34 -15.40
CA ASP D 74 17.29 17.43 -14.60
C ASP D 74 18.09 17.60 -13.32
N ALA D 75 18.74 16.54 -12.84
CA ALA D 75 19.47 16.57 -11.55
C ALA D 75 20.48 15.48 -11.60
N ILE D 76 21.66 15.72 -11.02
CA ILE D 76 22.76 14.75 -11.05
C ILE D 76 23.24 14.57 -9.63
N LYS D 77 23.43 13.34 -9.20
CA LYS D 77 24.02 12.99 -7.92
C LYS D 77 25.41 12.36 -8.25
N THR D 78 26.39 12.57 -7.40
CA THR D 78 27.62 11.82 -7.48
C THR D 78 27.78 10.96 -6.27
N GLY D 79 28.32 9.80 -6.51
CA GLY D 79 28.57 8.77 -5.49
C GLY D 79 30.06 8.44 -5.46
N MET D 80 30.39 7.16 -5.42
CA MET D 80 31.73 6.75 -5.56
C MET D 80 32.30 7.10 -6.93
N LEU D 81 33.31 7.93 -6.91
CA LEU D 81 33.92 8.42 -8.15
C LEU D 81 35.28 7.74 -8.39
N GLY D 82 36.07 7.64 -7.37
CA GLY D 82 37.26 6.80 -7.45
C GLY D 82 38.54 7.49 -7.85
N THR D 83 38.49 8.41 -8.81
CA THR D 83 39.72 9.07 -9.25
C THR D 83 39.53 10.54 -9.45
N GLU D 84 40.65 11.27 -9.46
CA GLU D 84 40.57 12.70 -9.70
C GLU D 84 40.02 12.99 -11.06
N GLU D 85 40.39 12.13 -12.05
CA GLU D 85 39.87 12.28 -13.43
C GLU D 85 38.38 12.25 -13.46
N ILE D 86 37.81 11.24 -12.78
CA ILE D 86 36.36 11.09 -12.82
C ILE D 86 35.70 12.22 -12.04
N ILE D 87 36.27 12.51 -10.88
CA ILE D 87 35.80 13.70 -10.08
C ILE D 87 35.74 14.96 -10.95
N LYS D 88 36.84 15.28 -11.62
CA LYS D 88 36.83 16.43 -12.46
C LYS D 88 35.72 16.34 -13.53
N ARG D 89 35.63 15.19 -14.20
CA ARG D 89 34.64 14.99 -15.28
C ARG D 89 33.18 15.04 -14.82
N ALA D 90 32.94 14.55 -13.61
CA ALA D 90 31.63 14.68 -12.96
C ALA D 90 31.20 16.14 -12.83
N GLY D 91 32.11 17.00 -12.35
CA GLY D 91 31.82 18.44 -12.30
C GLY D 91 31.61 19.04 -13.70
N GLU D 92 32.44 18.63 -14.64
CA GLU D 92 32.37 19.13 -16.01
C GLU D 92 31.07 18.72 -16.67
N VAL D 93 30.63 17.46 -16.53
CA VAL D 93 29.30 17.11 -17.13
C VAL D 93 28.11 17.83 -16.47
N TYR D 94 28.13 18.03 -15.18
CA TYR D 94 27.10 18.86 -14.58
C TYR D 94 27.04 20.25 -15.26
N GLU D 95 28.19 20.92 -15.39
CA GLU D 95 28.10 22.28 -16.01
C GLU D 95 27.69 22.27 -17.51
N ALA D 96 28.04 21.22 -18.22
CA ALA D 96 27.67 21.09 -19.63
C ALA D 96 26.16 20.80 -19.80
N SER D 97 25.54 20.16 -18.79
CA SER D 97 24.14 19.79 -18.83
C SER D 97 23.26 21.00 -18.61
N ASN D 98 21.96 20.84 -18.75
CA ASN D 98 21.03 21.87 -18.28
C ASN D 98 20.44 21.42 -16.96
N ALA D 99 21.16 20.61 -16.18
CA ALA D 99 20.65 20.20 -14.86
C ALA D 99 20.65 21.41 -13.92
N GLN D 100 19.62 21.54 -13.07
CA GLN D 100 19.56 22.66 -12.13
C GLN D 100 20.17 22.33 -10.78
N TYR D 101 20.41 21.04 -10.56
CA TYR D 101 20.71 20.56 -9.26
C TYR D 101 21.84 19.53 -9.36
N PHE D 102 22.81 19.63 -8.44
CA PHE D 102 23.99 18.74 -8.30
C PHE D 102 24.18 18.39 -6.83
N VAL D 103 23.99 17.13 -6.49
CA VAL D 103 24.12 16.68 -5.13
C VAL D 103 25.34 15.81 -5.03
N VAL D 104 26.31 16.23 -4.24
CA VAL D 104 27.57 15.54 -4.17
C VAL D 104 27.63 14.83 -2.86
N ASP D 105 27.62 13.51 -2.95
CA ASP D 105 27.78 12.66 -1.80
C ASP D 105 29.24 12.26 -1.75
N PRO D 106 30.01 12.86 -0.84
CA PRO D 106 31.46 12.81 -0.93
C PRO D 106 31.99 11.47 -0.43
N VAL D 107 31.68 10.37 -1.11
CA VAL D 107 31.91 9.08 -0.52
CA VAL D 107 31.89 9.09 -0.46
C VAL D 107 33.40 8.82 -0.36
N MET D 108 33.81 8.50 0.84
CA MET D 108 35.21 8.09 1.08
C MET D 108 35.35 6.67 1.64
N VAL D 109 34.34 6.15 2.34
CA VAL D 109 34.35 4.73 2.82
C VAL D 109 33.01 4.05 2.47
N CYS D 110 32.76 2.86 3.03
CA CYS D 110 31.45 2.22 2.96
C CYS D 110 30.85 2.01 4.35
N ASN D 118 43.00 7.70 -0.78
CA ASN D 118 43.65 8.45 -1.84
C ASN D 118 43.60 9.95 -1.64
N PRO D 119 43.24 10.40 -0.36
CA PRO D 119 42.99 11.85 -0.21
C PRO D 119 43.46 12.95 -1.18
N GLY D 120 44.02 12.56 -2.31
CA GLY D 120 44.05 13.39 -3.48
C GLY D 120 42.61 13.58 -3.88
N ASN D 121 41.81 12.54 -3.69
CA ASN D 121 40.41 12.61 -4.04
C ASN D 121 39.71 13.69 -3.22
N THR D 122 40.03 13.75 -1.94
CA THR D 122 39.41 14.74 -1.07
C THR D 122 39.67 16.13 -1.60
N GLU D 123 40.92 16.38 -1.94
CA GLU D 123 41.29 17.67 -2.47
C GLU D 123 40.60 17.91 -3.80
N ALA D 124 40.51 16.85 -4.59
CA ALA D 124 39.82 16.93 -5.87
C ALA D 124 38.34 17.25 -5.66
N MET D 125 37.74 16.67 -4.64
CA MET D 125 36.36 16.95 -4.40
C MET D 125 36.24 18.40 -4.03
N ILE D 126 37.16 18.86 -3.20
CA ILE D 126 37.10 20.24 -2.75
C ILE D 126 37.28 21.20 -3.92
N LYS D 127 38.17 20.89 -4.83
CA LYS D 127 38.46 21.83 -5.92
C LYS D 127 37.41 21.87 -7.01
N TYR D 128 36.95 20.69 -7.42
CA TYR D 128 36.07 20.51 -8.58
C TYR D 128 34.60 20.41 -8.26
N LEU D 129 34.24 19.85 -7.10
CA LEU D 129 32.84 19.51 -6.85
C LEU D 129 32.11 20.44 -5.91
N LEU D 130 32.73 20.81 -4.80
CA LEU D 130 32.04 21.69 -3.82
C LEU D 130 31.55 22.99 -4.42
N PRO D 131 32.34 23.58 -5.30
CA PRO D 131 31.85 24.88 -5.82
C PRO D 131 30.68 24.80 -6.69
N LYS D 132 30.42 23.62 -7.23
CA LYS D 132 29.25 23.38 -8.11
C LYS D 132 28.03 22.76 -7.33
N ALA D 133 28.28 22.28 -6.12
CA ALA D 133 27.22 21.49 -5.38
C ALA D 133 26.07 22.38 -4.91
N THR D 134 24.85 21.92 -5.22
CA THR D 134 23.67 22.44 -4.66
C THR D 134 23.65 22.02 -3.22
N VAL D 135 23.91 20.73 -2.98
CA VAL D 135 23.95 20.22 -1.67
C VAL D 135 25.08 19.23 -1.62
N VAL D 136 25.87 19.29 -0.56
CA VAL D 136 26.95 18.31 -0.29
C VAL D 136 26.52 17.59 0.97
N THR D 137 26.66 16.26 0.97
CA THR D 137 26.12 15.39 2.03
C THR D 137 27.11 14.47 2.79
N PRO D 138 28.10 15.06 3.48
CA PRO D 138 29.09 14.20 4.10
C PRO D 138 28.60 13.55 5.30
N ASN D 139 29.05 12.32 5.52
CA ASN D 139 28.93 11.73 6.84
C ASN D 139 29.92 12.40 7.82
N LEU D 140 29.82 12.08 9.10
CA LEU D 140 30.63 12.76 10.14
C LEU D 140 32.12 12.65 9.79
N PHE D 141 32.53 11.45 9.40
CA PHE D 141 33.91 11.25 9.02
C PHE D 141 34.32 12.13 7.78
N GLU D 142 33.49 12.10 6.74
CA GLU D 142 33.81 12.83 5.50
C GLU D 142 33.83 14.32 5.74
N ALA D 143 33.02 14.78 6.70
CA ALA D 143 32.92 16.23 7.05
C ALA D 143 34.21 16.73 7.69
N GLY D 144 34.72 15.91 8.62
CA GLY D 144 36.07 16.10 9.15
C GLY D 144 37.19 16.16 8.12
N GLN D 145 37.10 15.30 7.09
CA GLN D 145 38.09 15.31 6.04
C GLN D 145 37.99 16.54 5.14
N LEU D 146 36.79 16.84 4.69
CA LEU D 146 36.57 17.96 3.82
C LEU D 146 36.88 19.31 4.46
N SER D 147 36.61 19.42 5.75
CA SER D 147 36.84 20.67 6.53
C SER D 147 38.25 20.84 7.04
N GLY D 148 38.99 19.73 7.17
CA GLY D 148 40.32 19.76 7.71
C GLY D 148 40.37 19.79 9.23
N LEU D 149 39.23 19.61 9.84
CA LEU D 149 39.11 19.59 11.27
C LEU D 149 39.44 18.26 11.89
N GLY D 150 39.53 17.19 11.09
CA GLY D 150 39.72 15.82 11.68
C GLY D 150 38.42 15.30 12.33
N LYS D 151 38.53 14.63 13.48
CA LYS D 151 37.37 14.00 14.12
C LYS D 151 36.39 15.02 14.73
N LEU D 152 35.10 14.89 14.37
CA LEU D 152 34.02 15.75 14.88
C LEU D 152 33.21 14.95 15.87
N ASN D 153 32.86 15.53 16.97
CA ASN D 153 32.19 14.79 18.06
C ASN D 153 30.98 15.49 18.67
N SER D 154 30.53 16.57 18.05
CA SER D 154 29.51 17.40 18.69
C SER D 154 28.81 18.21 17.64
N ILE D 155 27.61 18.67 17.97
CA ILE D 155 26.95 19.66 17.08
C ILE D 155 27.83 20.91 16.80
N GLU D 156 28.59 21.36 17.80
CA GLU D 156 29.40 22.57 17.66
C GLU D 156 30.54 22.35 16.67
N ASP D 157 31.13 21.16 16.67
CA ASP D 157 32.14 20.76 15.69
C ASP D 157 31.54 20.64 14.24
N MET D 158 30.31 20.13 14.16
CA MET D 158 29.55 20.05 12.89
C MET D 158 29.27 21.43 12.35
N LYS D 159 28.89 22.37 13.22
CA LYS D 159 28.66 23.77 12.74
C LYS D 159 29.97 24.33 12.12
N LYS D 160 31.07 24.16 12.85
CA LYS D 160 32.39 24.56 12.37
C LYS D 160 32.71 23.90 11.03
N ALA D 161 32.52 22.59 10.92
CA ALA D 161 32.74 21.91 9.63
C ALA D 161 31.84 22.41 8.52
N ALA D 162 30.58 22.65 8.86
CA ALA D 162 29.65 23.14 7.90
C ALA D 162 30.03 24.51 7.38
N THR D 163 30.47 25.42 8.23
CA THR D 163 30.84 26.73 7.79
C THR D 163 32.01 26.63 6.78
N ILE D 164 32.96 25.75 7.10
CA ILE D 164 34.17 25.65 6.28
C ILE D 164 33.83 25.07 4.92
N ILE D 165 33.02 24.01 4.94
CA ILE D 165 32.57 23.38 3.69
C ILE D 165 31.73 24.39 2.87
N PHE D 166 30.84 25.13 3.54
CA PHE D 166 30.11 26.18 2.84
C PHE D 166 31.06 27.20 2.26
N ASP D 167 32.08 27.59 3.01
CA ASP D 167 33.00 28.62 2.47
C ASP D 167 33.79 28.07 1.27
N LYS D 168 33.92 26.76 1.17
CA LYS D 168 34.63 26.19 0.02
C LYS D 168 33.78 26.16 -1.25
N GLY D 169 32.56 26.65 -1.15
CA GLY D 169 31.68 26.88 -2.25
C GLY D 169 30.35 26.09 -2.28
N ALA D 170 30.19 25.07 -1.45
CA ALA D 170 28.94 24.27 -1.46
C ALA D 170 27.77 25.14 -1.02
N GLN D 171 26.69 25.13 -1.81
CA GLN D 171 25.57 26.08 -1.61
C GLN D 171 24.73 25.75 -0.36
N HIS D 172 24.60 24.45 -0.08
CA HIS D 172 23.96 23.94 1.09
C HIS D 172 24.72 22.73 1.57
N VAL D 173 24.77 22.59 2.88
CA VAL D 173 25.52 21.51 3.47
C VAL D 173 24.67 20.75 4.48
N ILE D 174 24.71 19.42 4.39
CA ILE D 174 24.17 18.60 5.47
C ILE D 174 25.22 17.63 5.92
N ILE D 175 25.67 17.80 7.17
CA ILE D 175 26.55 16.84 7.89
C ILE D 175 25.73 15.86 8.70
N LYS D 176 25.88 14.61 8.35
CA LYS D 176 25.16 13.54 9.02
C LYS D 176 25.88 13.13 10.28
N GLY D 177 25.11 13.00 11.35
CA GLY D 177 25.62 12.59 12.63
C GLY D 177 25.25 11.15 12.81
N GLY D 178 23.96 10.91 13.04
CA GLY D 178 23.43 9.57 13.10
C GLY D 178 24.12 8.76 14.15
N LYS D 179 24.54 7.56 13.79
CA LYS D 179 25.07 6.66 14.81
C LYS D 179 26.51 7.04 15.20
N ALA D 180 27.20 7.70 14.28
CA ALA D 180 28.61 8.08 14.46
C ALA D 180 28.81 9.15 15.58
N LEU D 181 27.78 9.94 15.83
CA LEU D 181 27.73 10.86 16.96
C LEU D 181 27.46 10.21 18.27
N ASP D 182 26.93 8.98 18.27
CA ASP D 182 26.91 8.19 19.49
C ASP D 182 26.08 8.86 20.62
N GLN D 183 24.85 9.22 20.25
CA GLN D 183 23.90 9.80 21.16
C GLN D 183 22.57 9.05 21.06
N ASP D 184 21.62 9.49 21.89
CA ASP D 184 20.39 8.74 22.15
C ASP D 184 19.43 8.84 20.97
N LYS D 185 19.55 9.95 20.25
CA LYS D 185 18.78 10.20 19.02
C LYS D 185 19.76 10.45 17.86
N SER D 186 19.20 10.41 16.63
CA SER D 186 19.93 10.64 15.38
C SER D 186 19.83 12.09 14.89
N TYR D 187 20.94 12.83 15.06
CA TYR D 187 21.06 14.24 14.67
C TYR D 187 21.86 14.38 13.38
N ASP D 188 21.33 15.17 12.45
CA ASP D 188 22.07 15.67 11.31
C ASP D 188 22.04 17.19 11.42
N LEU D 189 23.06 17.79 10.84
CA LEU D 189 23.10 19.26 10.84
C LEU D 189 23.09 19.85 9.43
N TYR D 190 22.08 20.72 9.17
CA TYR D 190 21.89 21.48 7.91
C TYR D 190 22.32 22.93 8.02
N TYR D 191 23.07 23.42 6.99
CA TYR D 191 23.53 24.78 6.95
C TYR D 191 23.39 25.38 5.59
N ASP D 192 22.86 26.58 5.58
CA ASP D 192 22.61 27.24 4.32
C ASP D 192 23.44 28.54 4.12
N GLY D 193 24.51 28.69 4.88
CA GLY D 193 25.29 29.91 4.88
C GLY D 193 24.75 30.99 5.80
N GLN D 194 23.53 30.82 6.34
CA GLN D 194 22.93 31.83 7.23
C GLN D 194 22.56 31.29 8.58
N THR D 195 22.10 30.02 8.60
CA THR D 195 21.35 29.49 9.73
C THR D 195 21.65 28.00 9.84
N PHE D 196 21.78 27.45 11.04
CA PHE D 196 21.95 26.04 11.24
C PHE D 196 20.61 25.41 11.69
N TYR D 197 20.30 24.26 11.16
CA TYR D 197 19.07 23.54 11.56
C TYR D 197 19.49 22.17 11.97
N GLN D 198 19.00 21.72 13.11
CA GLN D 198 19.28 20.37 13.60
C GLN D 198 18.08 19.56 13.17
N LEU D 199 18.34 18.42 12.55
CA LEU D 199 17.32 17.48 12.13
C LEU D 199 17.43 16.20 12.96
N THR D 200 16.31 15.76 13.55
CA THR D 200 16.34 14.65 14.48
C THR D 200 15.22 13.60 14.21
N THR D 201 15.59 12.34 14.37
CA THR D 201 14.65 11.25 14.52
C THR D 201 15.20 10.43 15.65
N ASP D 202 14.42 9.43 16.07
CA ASP D 202 14.93 8.54 17.05
C ASP D 202 16.17 7.87 16.40
N MET D 203 16.99 7.25 17.23
CA MET D 203 17.96 6.22 16.77
C MET D 203 17.16 4.90 16.62
N PHE D 204 17.43 4.20 15.55
CA PHE D 204 16.83 2.89 15.29
C PHE D 204 17.93 1.85 15.37
N GLN D 205 17.55 0.58 15.23
CA GLN D 205 18.53 -0.49 15.23
C GLN D 205 19.76 -0.13 14.42
N GLN D 206 20.92 -0.54 14.94
CA GLN D 206 22.22 -0.19 14.39
C GLN D 206 22.86 -1.27 13.46
N SER D 207 22.37 -2.50 13.50
CA SER D 207 23.11 -3.56 12.86
C SER D 207 22.96 -3.63 11.33
N TYR D 208 21.78 -3.27 10.85
CA TYR D 208 21.43 -3.36 9.42
C TYR D 208 21.10 -1.96 8.87
N ASN D 209 22.16 -1.15 8.56
CA ASN D 209 22.03 0.20 8.01
C ASN D 209 22.82 0.41 6.67
N HIS D 210 23.20 -0.67 6.02
CA HIS D 210 24.05 -0.53 4.81
C HIS D 210 23.27 0.15 3.72
N GLY D 211 23.84 1.19 3.18
CA GLY D 211 23.17 1.97 2.13
C GLY D 211 22.49 3.24 2.58
N ALA D 212 22.44 3.46 3.91
CA ALA D 212 21.73 4.62 4.42
C ALA D 212 22.22 5.95 3.87
N GLY D 213 23.52 6.14 3.79
CA GLY D 213 24.11 7.36 3.24
C GLY D 213 23.76 7.53 1.75
N CYS D 214 23.95 6.48 0.95
CA CYS D 214 23.66 6.59 -0.49
C CYS D 214 22.19 6.88 -0.70
N THR D 215 21.34 6.16 0.04
CA THR D 215 19.97 6.45 0.01
C THR D 215 19.62 7.88 0.34
N PHE D 216 20.17 8.39 1.45
CA PHE D 216 19.95 9.78 1.83
C PHE D 216 20.19 10.72 0.67
N ALA D 217 21.39 10.63 0.13
CA ALA D 217 21.72 11.57 -0.95
C ALA D 217 20.87 11.42 -2.26
N ALA D 218 20.54 10.20 -2.60
CA ALA D 218 19.62 9.89 -3.69
C ALA D 218 18.23 10.53 -3.50
N ALA D 219 17.66 10.38 -2.32
CA ALA D 219 16.37 10.92 -2.01
C ALA D 219 16.44 12.44 -2.05
N THR D 220 17.50 13.03 -1.52
CA THR D 220 17.69 14.50 -1.58
C THR D 220 17.66 14.98 -3.08
N THR D 221 18.36 14.26 -3.92
CA THR D 221 18.40 14.53 -5.36
C THR D 221 17.04 14.44 -5.98
N ALA D 222 16.32 13.36 -5.70
CA ALA D 222 15.01 13.22 -6.30
C ALA D 222 14.03 14.24 -5.75
N TYR D 223 14.08 14.49 -4.44
CA TYR D 223 13.26 15.57 -3.94
C TYR D 223 13.52 16.91 -4.55
N LEU D 224 14.79 17.29 -4.72
CA LEU D 224 15.08 18.58 -5.43
C LEU D 224 14.46 18.58 -6.86
N ALA D 225 14.71 17.51 -7.61
CA ALA D 225 14.24 17.39 -9.00
C ALA D 225 12.73 17.63 -9.08
N ASN D 226 12.00 17.06 -8.14
CA ASN D 226 10.56 17.12 -8.06
C ASN D 226 10.02 18.46 -7.44
N GLY D 227 10.93 19.44 -7.15
CA GLY D 227 10.51 20.81 -6.84
C GLY D 227 10.63 21.18 -5.38
N LYS D 228 11.04 20.28 -4.49
CA LYS D 228 11.36 20.75 -3.14
C LYS D 228 12.60 21.69 -3.05
N SER D 229 12.54 22.65 -2.12
CA SER D 229 13.72 23.52 -1.88
C SER D 229 14.83 22.65 -1.25
N PRO D 230 16.11 23.07 -1.35
CA PRO D 230 17.20 22.32 -0.65
C PRO D 230 16.91 21.92 0.85
N LYS D 231 16.41 22.84 1.68
CA LYS D 231 16.08 22.48 3.07
C LYS D 231 14.91 21.45 3.17
N GLU D 232 13.88 21.67 2.38
CA GLU D 232 12.72 20.71 2.36
C GLU D 232 13.19 19.33 1.85
N ALA D 233 14.07 19.34 0.84
CA ALA D 233 14.60 18.11 0.24
C ALA D 233 15.39 17.32 1.23
N VAL D 234 16.31 17.97 1.99
CA VAL D 234 17.09 17.14 2.96
C VAL D 234 16.23 16.70 4.15
N ILE D 235 15.28 17.52 4.58
CA ILE D 235 14.34 17.09 5.63
C ILE D 235 13.56 15.85 5.14
N SER D 236 13.02 15.90 3.89
CA SER D 236 12.31 14.74 3.35
C SER D 236 13.18 13.53 3.20
N ALA D 237 14.44 13.74 2.77
CA ALA D 237 15.42 12.62 2.67
C ALA D 237 15.69 11.96 3.97
N LYS D 238 15.81 12.73 5.06
CA LYS D 238 16.03 12.12 6.38
C LYS D 238 14.86 11.22 6.74
N ALA D 239 13.65 11.68 6.48
CA ALA D 239 12.40 10.92 6.84
C ALA D 239 12.36 9.66 5.96
N PHE D 240 12.71 9.82 4.69
CA PHE D 240 12.81 8.65 3.78
C PHE D 240 13.81 7.58 4.26
N VAL D 241 15.05 7.99 4.61
CA VAL D 241 16.04 7.00 4.99
C VAL D 241 15.79 6.51 6.40
N ALA D 242 15.20 7.37 7.23
CA ALA D 242 14.81 6.89 8.58
C ALA D 242 13.94 5.65 8.52
N SER D 243 12.92 5.64 7.69
CA SER D 243 12.02 4.50 7.52
C SER D 243 12.79 3.28 6.98
N ALA D 244 13.69 3.56 6.03
CA ALA D 244 14.50 2.54 5.38
C ALA D 244 15.36 1.87 6.42
N ILE D 245 15.95 2.68 7.30
CA ILE D 245 16.83 2.16 8.39
C ILE D 245 16.04 1.38 9.39
N LYS D 246 14.89 1.93 9.76
CA LYS D 246 14.08 1.28 10.80
C LYS D 246 13.69 -0.11 10.33
N ASN D 247 13.55 -0.27 9.02
CA ASN D 247 13.07 -1.53 8.41
C ASN D 247 14.16 -2.29 7.67
N GLY D 248 15.38 -2.10 8.17
CA GLY D 248 16.55 -2.72 7.59
C GLY D 248 16.48 -4.17 8.01
N TRP D 249 17.19 -5.05 7.30
CA TRP D 249 17.12 -6.47 7.56
C TRP D 249 18.54 -7.11 7.43
N LYS D 250 18.67 -8.31 7.98
CA LYS D 250 19.96 -9.01 8.08
C LYS D 250 20.21 -9.83 6.85
N MET D 251 21.28 -9.46 6.16
CA MET D 251 21.69 -10.10 4.92
C MET D 251 22.63 -11.27 5.21
N ASN D 252 23.55 -11.04 6.13
CA ASN D 252 24.44 -12.09 6.63
C ASN D 252 25.05 -11.64 7.94
N ASP D 253 26.02 -12.41 8.44
CA ASP D 253 26.75 -12.02 9.66
C ASP D 253 27.61 -10.75 9.56
N PHE D 254 27.81 -10.22 8.36
CA PHE D 254 28.61 -8.98 8.13
C PHE D 254 27.73 -7.74 8.00
N VAL D 255 26.75 -7.79 7.09
CA VAL D 255 26.00 -6.59 6.64
C VAL D 255 24.48 -6.84 6.57
N GLY D 256 23.68 -5.79 6.68
CA GLY D 256 22.27 -5.88 6.29
C GLY D 256 21.84 -4.53 5.79
N PRO D 257 21.19 -4.48 4.63
CA PRO D 257 20.76 -3.20 4.01
C PRO D 257 19.52 -2.56 4.60
N VAL D 258 19.45 -1.26 4.37
CA VAL D 258 18.23 -0.52 4.59
C VAL D 258 17.16 -0.98 3.59
N ASP D 259 15.89 -0.81 3.98
CA ASP D 259 14.79 -1.16 3.09
C ASP D 259 14.35 0.08 2.33
N HIS D 260 14.82 0.18 1.09
CA HIS D 260 14.64 1.43 0.36
C HIS D 260 13.22 1.75 0.18
N GLY D 261 12.36 0.73 0.19
CA GLY D 261 10.95 0.97 -0.10
C GLY D 261 10.09 1.15 1.15
N ALA D 262 10.72 1.18 2.32
CA ALA D 262 9.93 1.23 3.51
C ALA D 262 9.10 2.53 3.69
N TYR D 263 9.58 3.68 3.23
CA TYR D 263 8.85 4.92 3.36
C TYR D 263 7.50 4.87 2.66
N ASN D 264 7.47 4.39 1.40
CA ASN D 264 6.19 4.25 0.63
C ASN D 264 5.33 3.02 0.96
N ARG D 265 5.94 1.95 1.49
CA ARG D 265 5.33 0.65 1.69
C ARG D 265 4.94 0.36 3.16
N ILE D 266 5.77 0.84 4.11
CA ILE D 266 5.64 0.55 5.53
C ILE D 266 5.16 1.78 6.38
N GLU D 267 5.96 2.82 6.47
CA GLU D 267 5.67 3.94 7.40
C GLU D 267 6.50 5.15 7.04
N HIS D 268 5.94 6.35 7.30
CA HIS D 268 6.72 7.59 7.42
C HIS D 268 7.20 7.81 8.88
N ILE D 269 8.32 8.53 9.06
CA ILE D 269 8.94 8.79 10.36
C ILE D 269 9.05 10.29 10.36
N ASP D 270 8.53 10.94 11.42
CA ASP D 270 8.55 12.37 11.46
C ASP D 270 9.98 12.89 11.77
N VAL D 271 10.38 13.96 11.12
CA VAL D 271 11.69 14.57 11.38
C VAL D 271 11.44 15.84 12.24
N GLU D 272 12.05 15.89 13.41
CA GLU D 272 12.01 17.14 14.24
C GLU D 272 13.06 18.13 13.71
N VAL D 273 12.61 19.35 13.36
CA VAL D 273 13.49 20.38 12.82
C VAL D 273 13.56 21.55 13.84
N THR D 274 14.78 21.86 14.26
CA THR D 274 15.02 23.00 15.22
C THR D 274 16.18 23.89 14.69
N GLU D 275 15.98 25.20 14.73
CA GLU D 275 17.01 26.14 14.38
C GLU D 275 17.92 26.30 15.60
N VAL D 276 19.20 25.98 15.45
CA VAL D 276 20.24 25.93 16.48
C VAL D 276 21.47 26.82 16.25
#